data_6UDG
#
_entry.id   6UDG
#
_cell.length_a   53.590
_cell.length_b   107.800
_cell.length_c   113.700
_cell.angle_alpha   90.000
_cell.angle_beta   90.000
_cell.angle_gamma   90.000
#
_symmetry.space_group_name_H-M   'P 21 21 21'
#
loop_
_entity.id
_entity.type
_entity.pdbx_description
1 polymer 'Thiol peroxidase'
2 water water
#
_entity_poly.entity_id   1
_entity_poly.type   'polypeptide(L)'
_entity_poly.pdbx_seq_one_letter_code
;MAHHHHHHMANITLKGNAISTVGNLPNIGEQLKDFTLVNADLSEKTLADYKGKKVVLNIFPSIDTGVCAASARKFNQEAS
NLDNTVVVNVSKDLPFALGRFCAAEGLNNVDTLSDFRGHFGDDYGVTLADSPLQGLLSRAVVVADENGNVVYTEQVPEIA
QEPNYDAALAALK
;
_entity_poly.pdbx_strand_id   A,B,C,D
#
# COMPACT_ATOMS: atom_id res chain seq x y z
N ASN A 11 13.66 -32.45 6.82
CA ASN A 11 14.63 -31.70 7.62
C ASN A 11 14.93 -30.33 7.02
N ILE A 12 14.43 -29.27 7.67
CA ILE A 12 14.71 -27.90 7.24
C ILE A 12 15.92 -27.38 8.02
N THR A 13 16.60 -26.39 7.44
CA THR A 13 17.72 -25.72 8.10
C THR A 13 17.64 -24.23 7.83
N LEU A 14 18.26 -23.46 8.73
CA LEU A 14 18.38 -22.02 8.59
C LEU A 14 19.85 -21.66 8.72
N LYS A 15 20.44 -21.19 7.61
CA LYS A 15 21.86 -20.79 7.57
C LYS A 15 22.75 -21.91 8.10
N GLY A 16 22.40 -23.14 7.76
CA GLY A 16 23.13 -24.32 8.21
C GLY A 16 22.59 -24.94 9.48
N ASN A 17 22.10 -24.12 10.40
CA ASN A 17 21.56 -24.64 11.65
C ASN A 17 20.19 -25.26 11.42
N ALA A 18 19.83 -26.22 12.27
CA ALA A 18 18.63 -27.02 12.08
C ALA A 18 17.36 -26.28 12.53
N ILE A 19 16.35 -26.28 11.67
CA ILE A 19 15.01 -25.78 11.98
C ILE A 19 14.03 -26.91 11.69
N SER A 20 12.89 -26.88 12.36
CA SER A 20 11.85 -27.88 12.18
C SER A 20 10.52 -27.20 11.93
N THR A 21 9.62 -27.89 11.24
CA THR A 21 8.29 -27.35 10.96
C THR A 21 7.24 -28.14 11.71
N VAL A 22 6.23 -27.43 12.20
CA VAL A 22 5.06 -28.01 12.83
C VAL A 22 4.28 -28.76 11.76
N GLY A 23 4.28 -30.06 11.83
CA GLY A 23 3.51 -30.85 10.89
C GLY A 23 4.36 -31.32 9.75
N ASN A 24 3.69 -31.84 8.74
CA ASN A 24 4.35 -32.36 7.56
C ASN A 24 3.67 -31.81 6.31
N LEU A 25 4.49 -31.55 5.29
CA LEU A 25 4.00 -31.08 4.00
C LEU A 25 3.11 -32.15 3.36
N PRO A 26 2.15 -31.76 2.52
CA PRO A 26 1.33 -32.77 1.84
C PRO A 26 2.15 -33.66 0.92
N ASN A 27 1.71 -34.89 0.76
CA ASN A 27 2.36 -35.84 -0.12
C ASN A 27 1.71 -35.82 -1.51
N ILE A 28 2.47 -36.27 -2.50
CA ILE A 28 1.93 -36.42 -3.84
C ILE A 28 0.78 -37.40 -3.78
N GLY A 29 -0.32 -37.06 -4.44
CA GLY A 29 -1.51 -37.88 -4.47
C GLY A 29 -2.57 -37.47 -3.47
N GLU A 30 -2.20 -36.73 -2.43
CA GLU A 30 -3.17 -36.26 -1.48
C GLU A 30 -3.94 -35.07 -2.06
N GLN A 31 -5.17 -34.91 -1.60
CA GLN A 31 -5.98 -33.78 -2.05
C GLN A 31 -5.56 -32.52 -1.29
N LEU A 32 -5.68 -31.38 -1.96
CA LEU A 32 -5.33 -30.12 -1.33
C LEU A 32 -6.28 -29.82 -0.18
N LYS A 33 -5.71 -29.40 0.96
CA LYS A 33 -6.50 -29.03 2.12
C LYS A 33 -7.10 -27.65 1.96
N ASP A 34 -8.31 -27.47 2.49
CA ASP A 34 -9.00 -26.19 2.42
C ASP A 34 -8.24 -25.13 3.21
N PHE A 35 -8.57 -23.86 2.94
CA PHE A 35 -7.94 -22.75 3.63
C PHE A 35 -8.80 -21.50 3.44
N THR A 36 -8.50 -20.48 4.25
CA THR A 36 -9.05 -19.14 4.03
C THR A 36 -7.93 -18.14 4.26
N LEU A 37 -7.53 -17.45 3.20
CA LEU A 37 -6.45 -16.49 3.28
C LEU A 37 -6.98 -15.09 3.00
N VAL A 38 -6.19 -14.09 3.38
CA VAL A 38 -6.60 -12.70 3.29
C VAL A 38 -5.83 -12.02 2.16
N ASN A 39 -6.55 -11.29 1.32
CA ASN A 39 -5.94 -10.56 0.22
C ASN A 39 -5.45 -9.20 0.73
N ALA A 40 -4.82 -8.43 -0.17
CA ALA A 40 -4.28 -7.13 0.23
C ALA A 40 -5.37 -6.12 0.57
N ASP A 41 -6.58 -6.29 0.02
CA ASP A 41 -7.67 -5.38 0.34
C ASP A 41 -8.56 -5.92 1.45
N LEU A 42 -8.02 -6.84 2.26
CA LEU A 42 -8.69 -7.46 3.41
C LEU A 42 -9.86 -8.35 2.99
N SER A 43 -9.92 -8.71 1.71
CA SER A 43 -10.89 -9.68 1.22
C SER A 43 -10.30 -11.07 1.34
N GLU A 44 -11.17 -12.07 1.39
CA GLU A 44 -10.75 -13.44 1.64
C GLU A 44 -10.75 -14.28 0.36
N LYS A 45 -9.81 -15.22 0.32
CA LYS A 45 -9.69 -16.20 -0.76
C LYS A 45 -9.75 -17.59 -0.16
N THR A 46 -10.41 -18.50 -0.87
CA THR A 46 -10.65 -19.84 -0.38
C THR A 46 -10.23 -20.86 -1.44
N LEU A 47 -9.98 -22.09 -0.99
CA LEU A 47 -9.68 -23.17 -1.93
C LEU A 47 -10.73 -23.26 -3.03
N ALA A 48 -11.99 -22.91 -2.73
CA ALA A 48 -13.02 -22.94 -3.75
C ALA A 48 -12.77 -21.92 -4.84
N ASP A 49 -12.05 -20.83 -4.54
CA ASP A 49 -11.72 -19.82 -5.54
C ASP A 49 -10.83 -20.35 -6.65
N TYR A 50 -10.24 -21.54 -6.48
CA TYR A 50 -9.35 -22.12 -7.46
C TYR A 50 -9.86 -23.47 -7.94
N LYS A 51 -11.16 -23.70 -7.80
CA LYS A 51 -11.74 -24.97 -8.20
C LYS A 51 -11.55 -25.23 -9.69
N GLY A 52 -11.04 -26.41 -10.01
CA GLY A 52 -10.85 -26.81 -11.40
C GLY A 52 -9.65 -26.21 -12.11
N LYS A 53 -8.80 -25.48 -11.42
CA LYS A 53 -7.64 -24.83 -12.03
C LYS A 53 -6.35 -25.36 -11.41
N LYS A 54 -5.32 -25.54 -12.24
CA LYS A 54 -4.02 -26.01 -11.75
C LYS A 54 -3.36 -24.92 -10.93
N VAL A 55 -2.90 -25.28 -9.73
CA VAL A 55 -2.49 -24.33 -8.71
C VAL A 55 -1.02 -24.57 -8.36
N VAL A 56 -0.29 -23.48 -8.19
CA VAL A 56 1.04 -23.49 -7.59
C VAL A 56 0.98 -22.71 -6.30
N LEU A 57 1.26 -23.38 -5.19
CA LEU A 57 1.37 -22.71 -3.90
C LEU A 57 2.84 -22.35 -3.71
N ASN A 58 3.13 -21.05 -3.76
CA ASN A 58 4.48 -20.52 -3.58
C ASN A 58 4.56 -20.00 -2.16
N ILE A 59 5.23 -20.76 -1.28
CA ILE A 59 5.18 -20.55 0.17
C ILE A 59 6.47 -19.89 0.64
N PHE A 60 6.33 -18.71 1.26
CA PHE A 60 7.48 -17.92 1.67
C PHE A 60 7.51 -17.69 3.19
N PRO A 61 8.70 -17.65 3.78
CA PRO A 61 8.81 -17.06 5.13
C PRO A 61 8.35 -15.62 5.17
N SER A 62 8.68 -14.84 4.16
CA SER A 62 8.16 -13.49 4.01
C SER A 62 8.29 -13.08 2.55
N ILE A 63 7.30 -12.32 2.07
CA ILE A 63 7.41 -11.66 0.77
C ILE A 63 7.76 -10.18 0.91
N ASP A 64 7.99 -9.71 2.13
CA ASP A 64 8.35 -8.33 2.44
C ASP A 64 9.84 -8.17 2.73
N THR A 65 10.68 -8.86 1.96
CA THR A 65 12.13 -8.74 2.12
C THR A 65 12.75 -7.75 1.14
N GLY A 66 12.11 -7.56 -0.01
CA GLY A 66 12.53 -6.57 -0.98
C GLY A 66 13.63 -7.00 -1.91
N VAL A 67 13.94 -8.28 -1.96
CA VAL A 67 15.02 -8.81 -2.79
C VAL A 67 14.40 -9.84 -3.72
N CYS A 68 13.84 -9.38 -4.84
CA CYS A 68 13.26 -10.32 -5.79
C CYS A 68 14.39 -11.03 -6.52
N ALA A 69 14.06 -11.77 -7.58
CA ALA A 69 15.09 -12.55 -8.24
C ALA A 69 14.67 -12.83 -9.67
N ALA A 70 15.64 -12.81 -10.57
CA ALA A 70 15.36 -13.12 -11.96
C ALA A 70 14.66 -14.47 -12.07
N SER A 71 15.15 -15.47 -11.32
CA SER A 71 14.54 -16.80 -11.34
C SER A 71 13.17 -16.78 -10.70
N ALA A 72 13.01 -16.08 -9.57
CA ALA A 72 11.71 -16.03 -8.89
C ALA A 72 10.67 -15.31 -9.74
N ARG A 73 11.08 -14.24 -10.41
CA ARG A 73 10.17 -13.53 -11.30
C ARG A 73 9.88 -14.32 -12.56
N LYS A 74 10.90 -14.98 -13.14
CA LYS A 74 10.72 -15.69 -14.40
C LYS A 74 9.76 -16.87 -14.24
N PHE A 75 9.80 -17.55 -13.09
CA PHE A 75 8.88 -18.65 -12.85
C PHE A 75 7.44 -18.15 -12.76
N ASN A 76 7.21 -17.08 -11.99
CA ASN A 76 5.85 -16.56 -11.83
C ASN A 76 5.27 -16.10 -13.16
N GLN A 77 6.11 -15.53 -14.04
CA GLN A 77 5.65 -15.14 -15.36
C GLN A 77 5.33 -16.36 -16.21
N GLU A 78 6.22 -17.36 -16.20
CA GLU A 78 6.03 -18.54 -17.04
C GLU A 78 4.84 -19.36 -16.57
N ALA A 79 4.73 -19.61 -15.26
CA ALA A 79 3.66 -20.44 -14.73
C ALA A 79 2.29 -19.83 -15.03
N SER A 80 2.18 -18.50 -14.92
CA SER A 80 0.91 -17.84 -15.22
C SER A 80 0.55 -18.00 -16.69
N ASN A 81 1.57 -17.98 -17.57
CA ASN A 81 1.35 -18.18 -18.99
C ASN A 81 0.76 -19.55 -19.30
N LEU A 82 0.99 -20.54 -18.43
CA LEU A 82 0.47 -21.87 -18.67
C LEU A 82 -1.04 -21.86 -18.68
N ASP A 83 -1.61 -22.75 -19.48
CA ASP A 83 -3.06 -22.78 -19.64
C ASP A 83 -3.74 -23.19 -18.34
N ASN A 84 -4.72 -22.38 -17.92
CA ASN A 84 -5.55 -22.67 -16.75
C ASN A 84 -4.70 -22.96 -15.52
N THR A 85 -3.80 -22.02 -15.22
CA THR A 85 -2.88 -22.18 -14.12
C THR A 85 -2.76 -20.87 -13.36
N VAL A 86 -2.68 -20.95 -12.04
CA VAL A 86 -2.56 -19.78 -11.18
C VAL A 86 -1.41 -20.03 -10.21
N VAL A 87 -0.68 -18.97 -9.88
CA VAL A 87 0.35 -18.98 -8.85
C VAL A 87 -0.20 -18.27 -7.61
N VAL A 88 -0.07 -18.90 -6.44
CA VAL A 88 -0.61 -18.35 -5.19
C VAL A 88 0.51 -18.26 -4.17
N ASN A 89 0.83 -17.04 -3.76
CA ASN A 89 1.89 -16.78 -2.79
C ASN A 89 1.31 -16.68 -1.39
N VAL A 90 1.84 -17.49 -0.46
CA VAL A 90 1.38 -17.53 0.91
C VAL A 90 2.52 -17.16 1.85
N SER A 91 2.21 -16.34 2.85
CA SER A 91 3.18 -15.92 3.84
C SER A 91 2.43 -15.47 5.09
N LYS A 92 3.18 -15.22 6.16
CA LYS A 92 2.60 -14.67 7.37
C LYS A 92 2.56 -13.16 7.33
N ASP A 93 2.99 -12.55 6.23
CA ASP A 93 3.00 -11.11 6.08
C ASP A 93 1.59 -10.55 6.21
N LEU A 94 1.46 -9.43 6.88
CA LEU A 94 0.16 -8.80 6.95
C LEU A 94 -0.28 -8.33 5.58
N PRO A 95 -1.60 -8.28 5.33
CA PRO A 95 -2.11 -7.80 4.03
C PRO A 95 -1.61 -6.40 3.63
N PHE A 96 -1.21 -5.61 4.62
CA PHE A 96 -0.67 -4.28 4.33
C PHE A 96 0.66 -4.32 3.60
N ALA A 97 1.35 -5.46 3.63
CA ALA A 97 2.62 -5.63 2.94
C ALA A 97 2.55 -6.54 1.72
N LEU A 98 1.39 -7.14 1.43
CA LEU A 98 1.32 -8.06 0.30
C LEU A 98 1.64 -7.38 -1.03
N GLY A 99 1.28 -6.10 -1.19
CA GLY A 99 1.60 -5.37 -2.40
C GLY A 99 3.08 -5.21 -2.67
N ARG A 100 3.92 -5.44 -1.66
CA ARG A 100 5.37 -5.29 -1.79
C ARG A 100 6.04 -6.48 -2.43
N PHE A 101 5.28 -7.51 -2.83
CA PHE A 101 5.85 -8.65 -3.54
C PHE A 101 6.09 -8.26 -4.99
N CYS A 102 7.36 -8.10 -5.34
CA CYS A 102 7.72 -7.59 -6.65
C CYS A 102 7.49 -8.63 -7.74
N ALA A 103 7.64 -9.92 -7.40
CA ALA A 103 7.50 -10.98 -8.40
C ALA A 103 6.11 -11.01 -9.03
N ALA A 104 5.12 -10.38 -8.40
CA ALA A 104 3.78 -10.25 -8.97
C ALA A 104 3.52 -8.87 -9.56
N GLU A 105 4.56 -8.10 -9.86
CA GLU A 105 4.38 -6.75 -10.40
C GLU A 105 3.98 -6.82 -11.87
N GLY A 106 2.81 -6.31 -12.20
CA GLY A 106 2.32 -6.30 -13.56
C GLY A 106 1.83 -7.63 -14.07
N LEU A 107 1.99 -8.70 -13.30
CA LEU A 107 1.61 -10.04 -13.73
C LEU A 107 0.17 -10.34 -13.37
N ASN A 108 -0.53 -10.98 -14.31
CA ASN A 108 -1.87 -11.51 -14.06
C ASN A 108 -1.76 -12.95 -13.56
N ASN A 109 -2.88 -13.48 -13.09
CA ASN A 109 -2.97 -14.86 -12.58
C ASN A 109 -1.96 -15.14 -11.46
N VAL A 110 -1.64 -14.13 -10.65
CA VAL A 110 -0.77 -14.31 -9.49
C VAL A 110 -1.40 -13.59 -8.30
N ASP A 111 -1.81 -14.36 -7.31
CA ASP A 111 -2.34 -13.81 -6.08
C ASP A 111 -1.27 -13.85 -5.01
N THR A 112 -1.29 -12.86 -4.13
CA THR A 112 -0.41 -12.83 -2.98
C THR A 112 -1.30 -12.74 -1.75
N LEU A 113 -1.34 -13.81 -0.95
CA LEU A 113 -2.34 -13.92 0.10
C LEU A 113 -1.65 -14.10 1.45
N SER A 114 -2.37 -13.73 2.51
CA SER A 114 -1.82 -13.73 3.86
C SER A 114 -2.53 -14.77 4.71
N ASP A 115 -1.73 -15.50 5.49
CA ASP A 115 -2.17 -16.48 6.48
C ASP A 115 -2.00 -15.94 7.90
N PHE A 116 -2.08 -14.61 8.08
CA PHE A 116 -1.79 -14.02 9.39
C PHE A 116 -2.81 -14.45 10.46
N ARG A 117 -4.01 -14.88 10.04
CA ARG A 117 -5.02 -15.35 10.97
C ARG A 117 -5.66 -16.67 10.51
N GLY A 118 -5.06 -17.38 9.55
CA GLY A 118 -5.60 -18.61 9.04
C GLY A 118 -4.90 -19.84 9.61
N HIS A 119 -5.20 -20.98 9.00
CA HIS A 119 -4.55 -22.25 9.36
C HIS A 119 -3.85 -22.89 8.18
N PHE A 120 -3.48 -22.11 7.16
CA PHE A 120 -2.72 -22.67 6.06
C PHE A 120 -1.42 -23.28 6.54
N GLY A 121 -0.63 -22.52 7.30
CA GLY A 121 0.64 -23.01 7.78
C GLY A 121 0.48 -24.25 8.64
N ASP A 122 -0.59 -24.26 9.45
CA ASP A 122 -0.89 -25.42 10.28
C ASP A 122 -1.32 -26.60 9.42
N ASP A 123 -2.40 -26.42 8.65
CA ASP A 123 -2.95 -27.53 7.87
C ASP A 123 -1.96 -28.07 6.82
N TYR A 124 -1.02 -27.24 6.35
CA TYR A 124 -0.06 -27.68 5.34
C TYR A 124 1.30 -28.02 5.93
N GLY A 125 1.45 -27.94 7.26
CA GLY A 125 2.68 -28.38 7.91
C GLY A 125 3.93 -27.59 7.54
N VAL A 126 3.79 -26.27 7.36
CA VAL A 126 4.92 -25.44 6.93
C VAL A 126 5.32 -24.36 7.92
N THR A 127 4.55 -24.09 8.99
CA THR A 127 4.98 -23.07 9.95
C THR A 127 6.27 -23.53 10.64
N LEU A 128 7.24 -22.63 10.76
CA LEU A 128 8.52 -22.96 11.37
C LEU A 128 8.39 -23.01 12.89
N ALA A 129 9.05 -24.01 13.50
CA ALA A 129 8.89 -24.31 14.93
C ALA A 129 9.93 -23.66 15.84
N ASP A 130 11.15 -23.43 15.39
CA ASP A 130 12.16 -22.75 16.19
C ASP A 130 12.88 -21.73 15.30
N SER A 131 14.08 -21.29 15.76
CA SER A 131 14.93 -20.32 15.08
C SER A 131 14.32 -18.92 15.13
N PRO A 132 15.07 -17.85 14.85
CA PRO A 132 14.47 -16.52 14.88
C PRO A 132 13.30 -16.36 13.93
N LEU A 133 13.16 -17.25 12.96
CA LEU A 133 12.03 -17.24 12.03
C LEU A 133 10.85 -18.09 12.52
N GLN A 134 10.85 -18.48 13.80
CA GLN A 134 9.77 -19.29 14.34
C GLN A 134 8.43 -18.59 14.13
N GLY A 135 7.44 -19.35 13.66
CA GLY A 135 6.13 -18.80 13.38
C GLY A 135 5.91 -18.37 11.95
N LEU A 136 6.99 -18.17 11.20
CA LEU A 136 6.87 -17.85 9.79
C LEU A 136 6.76 -19.15 9.00
N LEU A 137 6.27 -19.05 7.77
CA LEU A 137 6.18 -20.24 6.94
C LEU A 137 7.56 -20.61 6.42
N SER A 138 7.72 -21.88 6.09
CA SER A 138 8.98 -22.29 5.49
C SER A 138 8.94 -22.06 3.98
N ARG A 139 10.12 -22.10 3.36
CA ARG A 139 10.19 -21.95 1.91
C ARG A 139 9.81 -23.28 1.26
N ALA A 140 8.68 -23.29 0.54
CA ALA A 140 8.17 -24.52 -0.02
C ALA A 140 7.29 -24.21 -1.22
N VAL A 141 7.12 -25.22 -2.06
CA VAL A 141 6.32 -25.12 -3.28
C VAL A 141 5.44 -26.35 -3.38
N VAL A 142 4.14 -26.15 -3.54
CA VAL A 142 3.18 -27.23 -3.70
C VAL A 142 2.44 -26.99 -5.00
N VAL A 143 2.46 -27.98 -5.88
CA VAL A 143 1.78 -27.92 -7.17
C VAL A 143 0.67 -28.96 -7.17
N ALA A 144 -0.51 -28.54 -7.65
CA ALA A 144 -1.66 -29.43 -7.75
C ALA A 144 -2.23 -29.33 -9.16
N ASP A 145 -3.00 -30.34 -9.53
CA ASP A 145 -3.59 -30.40 -10.86
C ASP A 145 -4.94 -29.70 -10.88
N GLU A 146 -5.68 -29.86 -11.96
CA GLU A 146 -7.00 -29.24 -12.06
C GLU A 146 -7.99 -29.87 -11.09
N ASN A 147 -7.81 -31.15 -10.77
CA ASN A 147 -8.71 -31.79 -9.82
C ASN A 147 -8.42 -31.40 -8.37
N GLY A 148 -7.18 -31.06 -8.03
CA GLY A 148 -6.83 -30.66 -6.68
C GLY A 148 -5.89 -31.59 -5.94
N ASN A 149 -5.45 -32.68 -6.56
CA ASN A 149 -4.49 -33.58 -5.90
C ASN A 149 -3.07 -33.09 -6.15
N VAL A 150 -2.27 -33.14 -5.08
CA VAL A 150 -0.87 -32.70 -5.15
C VAL A 150 -0.08 -33.61 -6.11
N VAL A 151 0.60 -32.97 -7.06
CA VAL A 151 1.40 -33.66 -8.07
C VAL A 151 2.88 -33.56 -7.73
N TYR A 152 3.29 -32.43 -7.16
CA TYR A 152 4.70 -32.18 -6.89
C TYR A 152 4.81 -31.31 -5.65
N THR A 153 5.80 -31.59 -4.80
CA THR A 153 6.09 -30.76 -3.64
C THR A 153 7.59 -30.56 -3.51
N GLU A 154 7.96 -29.48 -2.81
CA GLU A 154 9.34 -29.28 -2.42
C GLU A 154 9.38 -28.52 -1.11
N GLN A 155 10.10 -29.06 -0.14
CA GLN A 155 10.45 -28.36 1.09
C GLN A 155 11.90 -27.95 0.91
N VAL A 156 12.12 -26.70 0.52
CA VAL A 156 13.47 -26.20 0.22
C VAL A 156 14.37 -26.42 1.44
N PRO A 157 15.42 -27.24 1.31
CA PRO A 157 16.26 -27.56 2.49
C PRO A 157 16.86 -26.35 3.19
N GLU A 158 17.24 -25.32 2.46
CA GLU A 158 17.77 -24.10 3.06
C GLU A 158 16.81 -22.96 2.77
N ILE A 159 16.31 -22.32 3.82
CA ILE A 159 15.29 -21.28 3.69
C ILE A 159 15.79 -20.13 2.82
N ALA A 160 17.09 -19.86 2.82
CA ALA A 160 17.62 -18.80 1.98
C ALA A 160 17.58 -19.17 0.49
N GLN A 161 17.89 -20.42 0.16
CA GLN A 161 17.97 -20.83 -1.23
C GLN A 161 16.59 -20.78 -1.90
N GLU A 162 16.61 -20.62 -3.24
CA GLU A 162 15.42 -20.58 -4.06
C GLU A 162 14.96 -21.99 -4.40
N PRO A 163 13.66 -22.19 -4.59
CA PRO A 163 13.16 -23.51 -5.01
C PRO A 163 13.63 -23.89 -6.41
N ASN A 164 13.51 -25.18 -6.70
CA ASN A 164 13.78 -25.73 -8.03
C ASN A 164 12.59 -25.40 -8.93
N TYR A 165 12.56 -24.15 -9.40
CA TYR A 165 11.39 -23.70 -10.15
C TYR A 165 11.19 -24.50 -11.44
N ASP A 166 12.26 -25.04 -12.01
CA ASP A 166 12.15 -25.79 -13.26
C ASP A 166 11.41 -27.10 -13.05
N ALA A 167 11.73 -27.82 -11.98
CA ALA A 167 11.01 -29.05 -11.67
C ALA A 167 9.56 -28.76 -11.35
N ALA A 168 9.29 -27.66 -10.65
CA ALA A 168 7.91 -27.29 -10.36
C ALA A 168 7.15 -27.00 -11.65
N LEU A 169 7.76 -26.23 -12.56
CA LEU A 169 7.12 -25.96 -13.85
C LEU A 169 6.85 -27.24 -14.61
N ALA A 170 7.82 -28.18 -14.58
CA ALA A 170 7.69 -29.42 -15.34
C ALA A 170 6.49 -30.23 -14.92
N ALA A 171 6.16 -30.24 -13.61
CA ALA A 171 4.99 -30.98 -13.14
C ALA A 171 3.72 -30.38 -13.71
N LEU A 172 3.67 -29.04 -13.83
CA LEU A 172 2.56 -28.38 -14.47
C LEU A 172 2.48 -28.70 -15.95
N LYS A 173 3.63 -28.90 -16.59
CA LYS A 173 3.68 -29.10 -18.05
C LYS A 173 3.28 -30.49 -18.49
N THR B 13 -22.20 20.93 -12.69
CA THR B 13 -21.66 22.08 -11.97
C THR B 13 -20.70 21.66 -10.86
N LEU B 14 -19.75 22.55 -10.52
CA LEU B 14 -18.81 22.33 -9.44
C LEU B 14 -18.87 23.52 -8.49
N LYS B 15 -19.35 23.28 -7.27
CA LYS B 15 -19.50 24.32 -6.24
C LYS B 15 -20.37 25.46 -6.76
N GLY B 16 -21.40 25.14 -7.51
CA GLY B 16 -22.33 26.11 -8.07
C GLY B 16 -21.99 26.57 -9.47
N ASN B 17 -20.70 26.76 -9.76
CA ASN B 17 -20.28 27.18 -11.09
C ASN B 17 -20.34 26.00 -12.05
N ALA B 18 -20.54 26.31 -13.33
CA ALA B 18 -20.73 25.29 -14.36
C ALA B 18 -19.39 24.68 -14.77
N ILE B 19 -19.35 23.35 -14.85
CA ILE B 19 -18.18 22.63 -15.32
C ILE B 19 -18.56 21.79 -16.54
N SER B 20 -17.56 21.49 -17.38
CA SER B 20 -17.75 20.75 -18.61
C SER B 20 -16.73 19.61 -18.72
N THR B 21 -17.10 18.59 -19.50
CA THR B 21 -16.25 17.43 -19.73
C THR B 21 -15.81 17.34 -21.19
N VAL B 22 -14.58 16.90 -21.40
CA VAL B 22 -14.05 16.57 -22.72
C VAL B 22 -14.82 15.34 -23.23
N GLY B 23 -15.70 15.53 -24.19
CA GLY B 23 -16.46 14.44 -24.76
C GLY B 23 -17.83 14.36 -24.15
N ASN B 24 -18.50 13.25 -24.44
CA ASN B 24 -19.84 12.98 -23.93
C ASN B 24 -19.90 11.56 -23.38
N LEU B 25 -20.64 11.38 -22.29
CA LEU B 25 -20.82 10.06 -21.72
C LEU B 25 -21.55 9.16 -22.70
N PRO B 26 -21.32 7.85 -22.62
CA PRO B 26 -22.03 6.93 -23.52
C PRO B 26 -23.54 7.00 -23.29
N ASN B 27 -24.29 6.74 -24.35
CA ASN B 27 -25.74 6.80 -24.27
C ASN B 27 -26.33 5.43 -23.92
N ILE B 28 -27.54 5.48 -23.35
CA ILE B 28 -28.27 4.24 -23.06
C ILE B 28 -28.51 3.51 -24.37
N GLY B 29 -28.24 2.21 -24.38
CA GLY B 29 -28.36 1.39 -25.56
C GLY B 29 -27.05 1.14 -26.26
N GLU B 30 -26.05 2.00 -26.05
CA GLU B 30 -24.74 1.82 -26.64
C GLU B 30 -23.93 0.78 -25.89
N GLN B 31 -23.00 0.16 -26.61
CA GLN B 31 -22.10 -0.83 -26.03
C GLN B 31 -20.97 -0.14 -25.28
N LEU B 32 -20.47 -0.81 -24.25
CA LEU B 32 -19.35 -0.27 -23.48
C LEU B 32 -18.10 -0.26 -24.35
N LYS B 33 -17.39 0.86 -24.34
CA LYS B 33 -16.13 0.97 -25.06
C LYS B 33 -15.01 0.28 -24.28
N ASP B 34 -14.07 -0.29 -25.01
CA ASP B 34 -12.94 -0.97 -24.40
C ASP B 34 -12.11 0.01 -23.59
N PHE B 35 -11.23 -0.53 -22.75
CA PHE B 35 -10.36 0.31 -21.93
C PHE B 35 -9.21 -0.54 -21.43
N THR B 36 -8.18 0.13 -20.91
CA THR B 36 -7.10 -0.54 -20.19
C THR B 36 -6.79 0.29 -18.96
N LEU B 37 -7.11 -0.26 -17.79
CA LEU B 37 -6.90 0.41 -16.52
C LEU B 37 -5.89 -0.37 -15.69
N VAL B 38 -5.31 0.29 -14.68
CA VAL B 38 -4.26 -0.31 -13.87
C VAL B 38 -4.78 -0.58 -12.46
N ASN B 39 -4.47 -1.79 -11.96
CA ASN B 39 -4.80 -2.19 -10.60
C ASN B 39 -3.76 -1.65 -9.62
N ALA B 40 -4.03 -1.87 -8.33
CA ALA B 40 -3.12 -1.41 -7.30
C ALA B 40 -1.79 -2.15 -7.34
N ASP B 41 -1.75 -3.37 -7.88
CA ASP B 41 -0.52 -4.13 -8.00
C ASP B 41 0.14 -3.96 -9.36
N LEU B 42 -0.16 -2.87 -10.07
CA LEU B 42 0.40 -2.54 -11.38
C LEU B 42 0.00 -3.53 -12.46
N SER B 43 -1.03 -4.32 -12.20
CA SER B 43 -1.58 -5.24 -13.18
C SER B 43 -2.67 -4.53 -13.99
N GLU B 44 -2.92 -5.04 -15.19
CA GLU B 44 -3.86 -4.39 -16.09
C GLU B 44 -5.18 -5.16 -16.11
N LYS B 45 -6.28 -4.43 -16.19
CA LYS B 45 -7.60 -4.99 -16.35
C LYS B 45 -8.23 -4.36 -17.58
N THR B 46 -8.98 -5.15 -18.33
CA THR B 46 -9.58 -4.70 -19.56
C THR B 46 -11.06 -5.07 -19.57
N LEU B 47 -11.81 -4.44 -20.48
CA LEU B 47 -13.22 -4.77 -20.67
C LEU B 47 -13.43 -6.26 -20.87
N ALA B 48 -12.44 -6.97 -21.41
CA ALA B 48 -12.59 -8.42 -21.59
C ALA B 48 -12.66 -9.14 -20.24
N ASP B 49 -12.05 -8.57 -19.21
CA ASP B 49 -12.09 -9.15 -17.87
C ASP B 49 -13.49 -9.16 -17.27
N TYR B 50 -14.46 -8.48 -17.87
CA TYR B 50 -15.81 -8.41 -17.33
C TYR B 50 -16.88 -8.89 -18.32
N LYS B 51 -16.49 -9.67 -19.32
CA LYS B 51 -17.46 -10.15 -20.31
C LYS B 51 -18.49 -11.05 -19.65
N GLY B 52 -19.77 -10.78 -19.93
CA GLY B 52 -20.84 -11.57 -19.37
C GLY B 52 -21.20 -11.28 -17.94
N LYS B 53 -20.59 -10.27 -17.34
CA LYS B 53 -20.83 -9.92 -15.94
C LYS B 53 -21.45 -8.52 -15.89
N LYS B 54 -22.42 -8.34 -14.99
CA LYS B 54 -23.05 -7.03 -14.83
C LYS B 54 -22.08 -6.04 -14.22
N VAL B 55 -21.94 -4.89 -14.86
CA VAL B 55 -20.88 -3.93 -14.54
C VAL B 55 -21.49 -2.62 -14.07
N VAL B 56 -20.92 -2.09 -12.99
CA VAL B 56 -21.19 -0.73 -12.55
C VAL B 56 -19.88 0.02 -12.64
N LEU B 57 -19.82 1.02 -13.51
CA LEU B 57 -18.66 1.88 -13.63
C LEU B 57 -18.87 3.04 -12.67
N ASN B 58 -18.09 3.06 -11.59
CA ASN B 58 -18.18 4.09 -10.55
C ASN B 58 -17.02 5.04 -10.78
N ILE B 59 -17.31 6.20 -11.36
CA ILE B 59 -16.29 7.10 -11.90
C ILE B 59 -16.09 8.25 -10.91
N PHE B 60 -14.85 8.41 -10.43
CA PHE B 60 -14.56 9.39 -9.38
C PHE B 60 -13.53 10.43 -9.85
N PRO B 61 -13.67 11.68 -9.41
CA PRO B 61 -12.51 12.57 -9.48
C PRO B 61 -11.33 12.05 -8.68
N SER B 62 -11.58 11.53 -7.50
CA SER B 62 -10.56 10.91 -6.67
C SER B 62 -11.25 9.95 -5.72
N ILE B 63 -10.60 8.82 -5.44
CA ILE B 63 -11.02 7.93 -4.36
C ILE B 63 -10.10 8.08 -3.16
N ASP B 64 -9.21 9.06 -3.19
CA ASP B 64 -8.25 9.33 -2.12
C ASP B 64 -8.79 10.42 -1.19
N THR B 65 -10.07 10.32 -0.81
CA THR B 65 -10.74 11.32 0.01
C THR B 65 -10.71 11.01 1.50
N GLY B 66 -10.70 9.74 1.90
CA GLY B 66 -10.53 9.42 3.30
C GLY B 66 -11.78 9.46 4.15
N VAL B 67 -12.96 9.45 3.55
CA VAL B 67 -14.19 9.54 4.32
C VAL B 67 -15.33 8.96 3.50
N CYS B 68 -15.41 7.63 3.43
CA CYS B 68 -16.41 6.99 2.60
C CYS B 68 -17.80 7.22 3.17
N ALA B 69 -18.71 7.67 2.30
CA ALA B 69 -20.05 8.08 2.70
C ALA B 69 -20.96 6.89 2.98
N ALA B 70 -21.91 7.11 3.91
CA ALA B 70 -22.84 6.07 4.34
C ALA B 70 -23.59 5.47 3.15
N SER B 71 -24.10 6.32 2.25
CA SER B 71 -24.84 5.79 1.12
C SER B 71 -23.94 4.97 0.21
N ALA B 72 -22.70 5.44 0.02
CA ALA B 72 -21.75 4.75 -0.85
C ALA B 72 -21.36 3.38 -0.29
N ARG B 73 -21.21 3.27 1.04
CA ARG B 73 -20.88 1.99 1.65
C ARG B 73 -22.03 1.00 1.50
N LYS B 74 -23.27 1.49 1.61
CA LYS B 74 -24.43 0.62 1.46
C LYS B 74 -24.56 0.08 0.04
N PHE B 75 -24.24 0.90 -0.96
CA PHE B 75 -24.35 0.47 -2.35
C PHE B 75 -23.37 -0.66 -2.66
N ASN B 76 -22.10 -0.47 -2.27
CA ASN B 76 -21.10 -1.49 -2.56
C ASN B 76 -21.41 -2.81 -1.88
N GLN B 77 -22.03 -2.77 -0.69
CA GLN B 77 -22.43 -4.00 -0.04
C GLN B 77 -23.55 -4.69 -0.81
N GLU B 78 -24.54 -3.91 -1.25
CA GLU B 78 -25.67 -4.50 -1.96
C GLU B 78 -25.29 -4.95 -3.37
N ALA B 79 -24.62 -4.08 -4.13
CA ALA B 79 -24.30 -4.38 -5.53
C ALA B 79 -23.35 -5.56 -5.65
N SER B 80 -22.34 -5.63 -4.78
CA SER B 80 -21.39 -6.73 -4.82
C SER B 80 -22.06 -8.07 -4.47
N ASN B 81 -23.03 -8.05 -3.55
CA ASN B 81 -23.77 -9.26 -3.20
C ASN B 81 -24.57 -9.81 -4.37
N LEU B 82 -24.91 -8.99 -5.36
CA LEU B 82 -25.74 -9.42 -6.47
C LEU B 82 -25.07 -10.51 -7.31
N ASP B 83 -25.89 -11.42 -7.82
CA ASP B 83 -25.40 -12.51 -8.65
C ASP B 83 -24.91 -11.96 -9.98
N ASN B 84 -23.71 -12.39 -10.39
CA ASN B 84 -23.15 -12.03 -11.69
C ASN B 84 -23.10 -10.51 -11.87
N THR B 85 -22.53 -9.84 -10.88
CA THR B 85 -22.43 -8.39 -10.88
C THR B 85 -21.06 -7.99 -10.34
N VAL B 86 -20.46 -6.97 -10.95
CA VAL B 86 -19.18 -6.44 -10.52
C VAL B 86 -19.27 -4.92 -10.46
N VAL B 87 -18.65 -4.33 -9.44
CA VAL B 87 -18.51 -2.89 -9.30
C VAL B 87 -17.07 -2.54 -9.64
N VAL B 88 -16.90 -1.56 -10.52
CA VAL B 88 -15.58 -1.18 -10.99
C VAL B 88 -15.40 0.31 -10.75
N ASN B 89 -14.43 0.67 -9.92
CA ASN B 89 -14.13 2.06 -9.63
C ASN B 89 -13.02 2.54 -10.56
N VAL B 90 -13.27 3.64 -11.27
CA VAL B 90 -12.26 4.20 -12.15
C VAL B 90 -11.99 5.63 -11.72
N SER B 91 -10.72 5.99 -11.65
CA SER B 91 -10.33 7.34 -11.26
C SER B 91 -8.93 7.60 -11.79
N LYS B 92 -8.51 8.86 -11.70
CA LYS B 92 -7.19 9.26 -12.15
C LYS B 92 -6.12 9.05 -11.08
N ASP B 93 -6.49 8.51 -9.91
CA ASP B 93 -5.54 8.29 -8.84
C ASP B 93 -4.45 7.30 -9.26
N LEU B 94 -3.23 7.57 -8.84
CA LEU B 94 -2.16 6.63 -9.10
C LEU B 94 -2.50 5.29 -8.44
N PRO B 95 -2.03 4.18 -9.00
CA PRO B 95 -2.32 2.87 -8.38
C PRO B 95 -1.84 2.75 -6.93
N PHE B 96 -0.81 3.50 -6.54
CA PHE B 96 -0.34 3.47 -5.16
C PHE B 96 -1.37 4.00 -4.18
N ALA B 97 -2.37 4.74 -4.65
CA ALA B 97 -3.41 5.30 -3.82
C ALA B 97 -4.75 4.60 -3.96
N LEU B 98 -4.88 3.64 -4.89
CA LEU B 98 -6.15 2.95 -5.05
C LEU B 98 -6.55 2.23 -3.76
N GLY B 99 -5.56 1.77 -2.99
CA GLY B 99 -5.85 1.10 -1.74
C GLY B 99 -6.54 1.99 -0.72
N ARG B 100 -6.52 3.30 -0.92
CA ARG B 100 -7.15 4.24 0.01
C ARG B 100 -8.66 4.36 -0.20
N PHE B 101 -9.25 3.56 -1.10
CA PHE B 101 -10.71 3.47 -1.23
C PHE B 101 -11.26 2.63 -0.08
N CYS B 102 -11.88 3.30 0.90
CA CYS B 102 -12.35 2.59 2.07
C CYS B 102 -13.67 1.85 1.81
N ALA B 103 -14.50 2.37 0.90
CA ALA B 103 -15.83 1.81 0.67
C ALA B 103 -15.79 0.35 0.22
N ALA B 104 -14.63 -0.15 -0.21
CA ALA B 104 -14.43 -1.54 -0.56
C ALA B 104 -13.80 -2.35 0.57
N GLU B 105 -14.08 -1.98 1.82
CA GLU B 105 -13.43 -2.59 2.98
C GLU B 105 -13.88 -4.03 3.15
N GLY B 106 -12.95 -4.97 2.96
CA GLY B 106 -13.22 -6.38 3.13
C GLY B 106 -14.07 -7.02 2.05
N LEU B 107 -14.53 -6.24 1.07
CA LEU B 107 -15.48 -6.71 0.07
C LEU B 107 -14.82 -7.36 -1.13
N ASN B 108 -15.44 -8.44 -1.60
CA ASN B 108 -15.11 -9.08 -2.87
C ASN B 108 -15.95 -8.45 -3.98
N ASN B 109 -15.61 -8.80 -5.22
CA ASN B 109 -16.35 -8.31 -6.40
C ASN B 109 -16.37 -6.79 -6.48
N VAL B 110 -15.30 -6.13 -6.01
CA VAL B 110 -15.16 -4.68 -6.15
C VAL B 110 -13.72 -4.40 -6.57
N ASP B 111 -13.56 -3.89 -7.80
CA ASP B 111 -12.25 -3.48 -8.29
C ASP B 111 -12.09 -1.97 -8.25
N THR B 112 -10.88 -1.52 -7.99
CA THR B 112 -10.52 -0.11 -8.00
C THR B 112 -9.33 0.06 -8.95
N LEU B 113 -9.56 0.78 -10.06
CA LEU B 113 -8.60 0.85 -11.15
C LEU B 113 -8.23 2.30 -11.42
N SER B 114 -7.09 2.48 -12.07
CA SER B 114 -6.51 3.79 -12.33
C SER B 114 -6.45 4.06 -13.84
N ASP B 115 -6.82 5.27 -14.25
CA ASP B 115 -6.71 5.70 -15.64
C ASP B 115 -5.57 6.71 -15.83
N PHE B 116 -4.55 6.64 -14.98
CA PHE B 116 -3.47 7.62 -15.01
C PHE B 116 -2.69 7.62 -16.33
N ARG B 117 -2.71 6.49 -17.07
CA ARG B 117 -2.02 6.39 -18.37
C ARG B 117 -2.90 5.79 -19.45
N GLY B 118 -4.21 5.66 -19.21
CA GLY B 118 -5.13 5.10 -20.17
C GLY B 118 -5.97 6.16 -20.85
N HIS B 119 -7.00 5.68 -21.55
CA HIS B 119 -7.95 6.57 -22.20
C HIS B 119 -9.38 6.29 -21.76
N PHE B 120 -9.59 5.69 -20.59
CA PHE B 120 -10.95 5.51 -20.09
C PHE B 120 -11.68 6.85 -20.00
N GLY B 121 -11.05 7.83 -19.35
CA GLY B 121 -11.72 9.10 -19.15
C GLY B 121 -12.09 9.78 -20.46
N ASP B 122 -11.18 9.74 -21.43
CA ASP B 122 -11.45 10.31 -22.76
C ASP B 122 -12.53 9.51 -23.47
N ASP B 123 -12.34 8.21 -23.61
CA ASP B 123 -13.27 7.37 -24.35
C ASP B 123 -14.66 7.37 -23.71
N TYR B 124 -14.75 7.63 -22.41
CA TYR B 124 -16.04 7.66 -21.72
C TYR B 124 -16.56 9.08 -21.52
N GLY B 125 -15.83 10.09 -22.01
CA GLY B 125 -16.31 11.46 -22.01
C GLY B 125 -16.57 12.04 -20.64
N VAL B 126 -15.75 11.68 -19.66
CA VAL B 126 -15.94 12.12 -18.29
C VAL B 126 -14.78 12.95 -17.77
N THR B 127 -13.65 13.01 -18.46
CA THR B 127 -12.54 13.83 -18.00
C THR B 127 -12.96 15.31 -17.99
N LEU B 128 -12.65 15.97 -16.87
CA LEU B 128 -13.03 17.36 -16.69
C LEU B 128 -12.15 18.28 -17.51
N ALA B 129 -12.77 19.29 -18.10
CA ALA B 129 -12.06 20.18 -19.03
C ALA B 129 -11.52 21.43 -18.37
N ASP B 130 -12.21 21.98 -17.38
CA ASP B 130 -11.74 23.15 -16.65
C ASP B 130 -11.99 22.91 -15.16
N SER B 131 -12.05 23.99 -14.39
CA SER B 131 -12.25 24.04 -12.95
C SER B 131 -10.97 23.54 -12.28
N PRO B 132 -10.77 23.77 -10.99
CA PRO B 132 -9.54 23.27 -10.35
C PRO B 132 -9.39 21.77 -10.43
N LEU B 133 -10.46 21.05 -10.74
CA LEU B 133 -10.44 19.60 -10.90
C LEU B 133 -10.14 19.18 -12.34
N GLN B 134 -9.66 20.10 -13.17
CA GLN B 134 -9.40 19.80 -14.57
C GLN B 134 -8.41 18.64 -14.69
N GLY B 135 -8.71 17.71 -15.59
CA GLY B 135 -7.90 16.54 -15.80
C GLY B 135 -8.37 15.32 -15.05
N LEU B 136 -9.16 15.50 -14.01
CA LEU B 136 -9.74 14.41 -13.24
C LEU B 136 -11.03 13.94 -13.90
N LEU B 137 -11.44 12.73 -13.55
CA LEU B 137 -12.69 12.21 -14.08
C LEU B 137 -13.86 12.86 -13.34
N SER B 138 -15.00 12.94 -13.99
CA SER B 138 -16.15 13.52 -13.32
C SER B 138 -16.86 12.45 -12.50
N ARG B 139 -17.76 12.90 -11.62
CA ARG B 139 -18.54 11.97 -10.84
C ARG B 139 -19.65 11.42 -11.72
N ALA B 140 -19.61 10.12 -12.00
CA ALA B 140 -20.57 9.51 -12.91
C ALA B 140 -20.68 8.02 -12.59
N VAL B 141 -21.78 7.44 -13.04
CA VAL B 141 -22.09 6.02 -12.85
C VAL B 141 -22.58 5.50 -14.19
N VAL B 142 -21.98 4.41 -14.68
CA VAL B 142 -22.42 3.78 -15.92
C VAL B 142 -22.67 2.32 -15.60
N VAL B 143 -23.89 1.87 -15.83
CA VAL B 143 -24.29 0.49 -15.61
C VAL B 143 -24.64 -0.14 -16.95
N ALA B 144 -24.12 -1.34 -17.19
CA ALA B 144 -24.37 -2.07 -18.41
C ALA B 144 -24.79 -3.49 -18.06
N ASP B 145 -25.40 -4.16 -19.03
CA ASP B 145 -25.88 -5.52 -18.82
C ASP B 145 -24.75 -6.52 -19.07
N GLU B 146 -25.11 -7.79 -19.13
CA GLU B 146 -24.13 -8.86 -19.30
C GLU B 146 -23.51 -8.85 -20.70
N ASN B 147 -24.28 -8.45 -21.71
CA ASN B 147 -23.77 -8.35 -23.07
C ASN B 147 -22.91 -7.11 -23.28
N GLY B 148 -23.09 -6.07 -22.48
CA GLY B 148 -22.28 -4.87 -22.55
C GLY B 148 -23.04 -3.61 -22.93
N ASN B 149 -24.35 -3.64 -23.15
CA ASN B 149 -25.07 -2.45 -23.55
C ASN B 149 -25.40 -1.61 -22.33
N VAL B 150 -25.12 -0.31 -22.41
CA VAL B 150 -25.37 0.59 -21.29
C VAL B 150 -26.86 0.66 -21.00
N VAL B 151 -27.21 0.40 -19.76
CA VAL B 151 -28.62 0.38 -19.34
C VAL B 151 -28.94 1.69 -18.62
N TYR B 152 -27.97 2.22 -17.89
CA TYR B 152 -28.19 3.41 -17.08
C TYR B 152 -26.90 4.19 -16.99
N THR B 153 -27.02 5.52 -17.06
CA THR B 153 -25.91 6.43 -16.82
C THR B 153 -26.37 7.58 -15.95
N GLU B 154 -25.42 8.21 -15.27
CA GLU B 154 -25.69 9.43 -14.52
C GLU B 154 -24.45 10.31 -14.53
N GLN B 155 -24.64 11.57 -14.91
CA GLN B 155 -23.61 12.60 -14.75
C GLN B 155 -24.03 13.41 -13.52
N VAL B 156 -23.41 13.12 -12.39
CA VAL B 156 -23.75 13.77 -11.12
C VAL B 156 -23.67 15.28 -11.26
N PRO B 157 -24.79 16.00 -11.08
CA PRO B 157 -24.80 17.46 -11.32
C PRO B 157 -23.81 18.25 -10.49
N GLU B 158 -23.58 17.87 -9.23
CA GLU B 158 -22.56 18.51 -8.40
C GLU B 158 -21.49 17.48 -8.07
N ILE B 159 -20.24 17.79 -8.42
CA ILE B 159 -19.15 16.83 -8.24
C ILE B 159 -19.01 16.43 -6.78
N ALA B 160 -19.34 17.33 -5.86
CA ALA B 160 -19.27 17.01 -4.43
C ALA B 160 -20.38 16.04 -4.03
N GLN B 161 -21.56 16.18 -4.60
CA GLN B 161 -22.70 15.34 -4.25
C GLN B 161 -22.46 13.90 -4.66
N GLU B 162 -23.12 12.95 -3.93
CA GLU B 162 -23.07 11.53 -4.21
C GLU B 162 -24.10 11.13 -5.25
N PRO B 163 -23.80 10.11 -6.05
CA PRO B 163 -24.78 9.63 -7.03
C PRO B 163 -26.02 9.02 -6.39
N ASN B 164 -27.08 8.92 -7.20
CA ASN B 164 -28.33 8.26 -6.85
C ASN B 164 -28.14 6.75 -6.97
N TYR B 165 -27.56 6.16 -5.93
CA TYR B 165 -27.19 4.75 -5.97
C TYR B 165 -28.40 3.82 -6.15
N ASP B 166 -29.59 4.25 -5.75
CA ASP B 166 -30.75 3.37 -5.88
C ASP B 166 -31.16 3.20 -7.34
N ALA B 167 -31.19 4.30 -8.11
CA ALA B 167 -31.55 4.20 -9.52
C ALA B 167 -30.51 3.38 -10.28
N ALA B 168 -29.24 3.50 -9.88
CA ALA B 168 -28.20 2.65 -10.46
C ALA B 168 -28.44 1.20 -10.10
N LEU B 169 -28.74 0.93 -8.82
CA LEU B 169 -29.00 -0.43 -8.38
C LEU B 169 -30.17 -1.03 -9.13
N ALA B 170 -31.24 -0.24 -9.35
CA ALA B 170 -32.41 -0.74 -10.05
C ALA B 170 -32.07 -1.24 -11.45
N ALA B 171 -31.14 -0.55 -12.13
CA ALA B 171 -30.74 -0.98 -13.47
C ALA B 171 -30.07 -2.35 -13.42
N LEU B 172 -29.30 -2.63 -12.37
CA LEU B 172 -28.74 -3.96 -12.20
C LEU B 172 -29.82 -5.01 -12.00
N LYS B 173 -30.92 -4.65 -11.34
CA LYS B 173 -31.98 -5.60 -11.03
C LYS B 173 -32.86 -5.90 -12.25
N ILE C 12 19.91 3.28 -17.67
CA ILE C 12 19.14 3.25 -16.43
C ILE C 12 18.36 1.95 -16.32
N THR C 13 18.15 1.49 -15.07
CA THR C 13 17.47 0.23 -14.79
C THR C 13 16.32 0.48 -13.81
N LEU C 14 15.32 -0.39 -13.87
CA LEU C 14 14.20 -0.38 -12.94
C LEU C 14 14.12 -1.77 -12.32
N LYS C 15 14.44 -1.86 -11.03
CA LYS C 15 14.47 -3.13 -10.31
C LYS C 15 15.36 -4.14 -11.04
N GLY C 16 16.45 -3.63 -11.61
CA GLY C 16 17.43 -4.42 -12.35
C GLY C 16 17.22 -4.51 -13.85
N ASN C 17 15.98 -4.62 -14.29
CA ASN C 17 15.69 -4.69 -15.72
C ASN C 17 15.80 -3.30 -16.35
N ALA C 18 16.10 -3.28 -17.64
CA ALA C 18 16.35 -2.02 -18.32
C ALA C 18 15.03 -1.31 -18.63
N ILE C 19 14.96 -0.02 -18.26
CA ILE C 19 13.85 0.84 -18.58
C ILE C 19 14.38 2.04 -19.34
N SER C 20 13.50 2.66 -20.12
CA SER C 20 13.87 3.83 -20.91
C SER C 20 12.86 4.95 -20.65
N THR C 21 13.33 6.18 -20.80
CA THR C 21 12.50 7.36 -20.57
C THR C 21 12.26 8.09 -21.87
N VAL C 22 11.05 8.61 -22.04
CA VAL C 22 10.72 9.46 -23.17
C VAL C 22 11.50 10.77 -23.03
N GLY C 23 12.53 10.94 -23.84
CA GLY C 23 13.32 12.15 -23.85
C GLY C 23 14.64 12.03 -23.10
N ASN C 24 15.28 13.18 -22.92
CA ASN C 24 16.56 13.29 -22.25
C ASN C 24 16.52 14.44 -21.25
N LEU C 25 17.23 14.24 -20.13
CA LEU C 25 17.34 15.25 -19.10
C LEU C 25 18.05 16.51 -19.64
N PRO C 26 17.73 17.68 -19.09
CA PRO C 26 18.43 18.90 -19.49
C PRO C 26 19.91 18.85 -19.17
N ASN C 27 20.70 19.57 -19.97
CA ASN C 27 22.15 19.62 -19.78
C ASN C 27 22.52 20.78 -18.86
N ILE C 28 23.70 20.65 -18.24
CA ILE C 28 24.23 21.72 -17.41
C ILE C 28 24.44 22.95 -18.28
N GLY C 29 23.98 24.10 -17.80
CA GLY C 29 24.05 25.35 -18.53
C GLY C 29 22.77 25.75 -19.23
N GLU C 30 21.88 24.80 -19.51
CA GLU C 30 20.61 25.12 -20.15
C GLU C 30 19.64 25.73 -19.14
N GLN C 31 18.72 26.54 -19.66
CA GLN C 31 17.71 27.14 -18.82
C GLN C 31 16.63 26.12 -18.50
N LEU C 32 16.07 26.22 -17.29
CA LEU C 32 15.00 25.32 -16.89
C LEU C 32 13.76 25.58 -17.73
N LYS C 33 13.13 24.53 -18.22
CA LYS C 33 11.91 24.69 -19.01
C LYS C 33 10.73 24.98 -18.09
N ASP C 34 9.82 25.83 -18.55
CA ASP C 34 8.67 26.21 -17.75
C ASP C 34 7.77 25.00 -17.52
N PHE C 35 6.88 25.12 -16.54
CA PHE C 35 5.94 24.07 -16.18
C PHE C 35 4.78 24.68 -15.37
N THR C 36 3.72 23.90 -15.23
CA THR C 36 2.62 24.22 -14.32
C THR C 36 2.26 22.96 -13.53
N LEU C 37 2.53 22.99 -12.23
CA LEU C 37 2.26 21.87 -11.36
C LEU C 37 1.16 22.25 -10.37
N VAL C 38 0.52 21.23 -9.80
CA VAL C 38 -0.59 21.43 -8.88
C VAL C 38 -0.15 21.02 -7.48
N ASN C 39 -0.45 21.88 -6.50
CA ASN C 39 -0.13 21.64 -5.10
C ASN C 39 -1.19 20.72 -4.48
N ALA C 40 -0.98 20.36 -3.22
CA ALA C 40 -1.92 19.44 -2.56
C ALA C 40 -3.30 20.06 -2.39
N ASP C 41 -3.38 21.39 -2.29
CA ASP C 41 -4.63 22.10 -2.14
C ASP C 41 -5.21 22.59 -3.48
N LEU C 42 -4.84 21.96 -4.59
CA LEU C 42 -5.33 22.23 -5.94
C LEU C 42 -4.93 23.61 -6.48
N SER C 43 -3.94 24.26 -5.88
CA SER C 43 -3.42 25.50 -6.42
C SER C 43 -2.27 25.21 -7.40
N GLU C 44 -2.02 26.16 -8.31
CA GLU C 44 -1.02 25.97 -9.35
C GLU C 44 0.26 26.73 -9.00
N LYS C 45 1.39 26.13 -9.34
CA LYS C 45 2.70 26.73 -9.18
C LYS C 45 3.41 26.70 -10.54
N THR C 46 4.17 27.75 -10.83
CA THR C 46 4.85 27.88 -12.11
C THR C 46 6.32 28.18 -11.86
N LEU C 47 7.12 27.96 -12.91
CA LEU C 47 8.54 28.32 -12.86
C LEU C 47 8.74 29.77 -12.39
N ALA C 48 7.77 30.64 -12.64
CA ALA C 48 7.89 32.00 -12.14
C ALA C 48 7.88 32.06 -10.62
N ASP C 49 7.25 31.08 -9.96
CA ASP C 49 7.18 31.05 -8.50
C ASP C 49 8.54 30.88 -7.83
N TYR C 50 9.58 30.55 -8.60
CA TYR C 50 10.91 30.35 -8.04
C TYR C 50 11.95 31.26 -8.69
N LYS C 51 11.51 32.37 -9.27
CA LYS C 51 12.43 33.28 -9.95
C LYS C 51 13.45 33.84 -8.97
N GLY C 52 14.72 33.81 -9.35
CA GLY C 52 15.77 34.35 -8.53
C GLY C 52 16.17 33.49 -7.35
N LYS C 53 15.65 32.28 -7.26
CA LYS C 53 15.93 31.36 -6.16
C LYS C 53 16.60 30.09 -6.70
N LYS C 54 17.55 29.56 -5.94
CA LYS C 54 18.17 28.29 -6.28
C LYS C 54 17.18 27.16 -6.06
N VAL C 55 16.98 26.32 -7.07
CA VAL C 55 15.91 25.34 -7.09
C VAL C 55 16.49 23.94 -7.21
N VAL C 56 15.92 23.01 -6.45
CA VAL C 56 16.21 21.59 -6.56
C VAL C 56 14.95 20.88 -7.03
N LEU C 57 15.02 20.25 -8.19
CA LEU C 57 13.92 19.42 -8.70
C LEU C 57 14.15 17.96 -8.28
N ASN C 58 13.32 17.48 -7.36
CA ASN C 58 13.39 16.10 -6.88
C ASN C 58 12.26 15.33 -7.55
N ILE C 59 12.60 14.53 -8.55
CA ILE C 59 11.63 13.91 -9.43
C ILE C 59 11.43 12.45 -9.01
N PHE C 60 10.20 12.09 -8.68
CA PHE C 60 9.92 10.77 -8.15
C PHE C 60 8.94 10.01 -9.04
N PRO C 61 9.14 8.70 -9.20
CA PRO C 61 8.04 7.86 -9.73
C PRO C 61 6.82 7.92 -8.85
N SER C 62 7.00 7.93 -7.54
CA SER C 62 5.90 8.19 -6.63
C SER C 62 6.46 8.63 -5.29
N ILE C 63 5.77 9.58 -4.66
CA ILE C 63 6.04 9.91 -3.25
C ILE C 63 5.03 9.27 -2.31
N ASP C 64 4.14 8.43 -2.83
CA ASP C 64 3.11 7.72 -2.08
C ASP C 64 3.45 6.22 -1.94
N THR C 65 4.70 5.89 -1.60
CA THR C 65 5.08 4.48 -1.50
C THR C 65 5.03 3.92 -0.07
N GLY C 66 5.10 4.78 0.95
CA GLY C 66 5.04 4.31 2.31
C GLY C 66 6.38 4.12 2.99
N VAL C 67 7.41 4.81 2.53
CA VAL C 67 8.77 4.66 3.03
C VAL C 67 9.17 5.94 3.75
N CYS C 68 9.97 5.78 4.81
CA CYS C 68 10.30 6.90 5.67
C CYS C 68 11.19 7.93 5.00
N ALA C 69 11.84 7.57 3.90
CA ALA C 69 12.72 8.47 3.16
C ALA C 69 13.63 9.29 4.08
N ALA C 70 14.36 8.58 4.94
CA ALA C 70 15.27 9.24 5.88
C ALA C 70 16.26 10.15 5.16
N SER C 71 16.81 9.69 4.03
CA SER C 71 17.79 10.49 3.31
C SER C 71 17.18 11.77 2.77
N ALA C 72 15.97 11.68 2.19
CA ALA C 72 15.34 12.88 1.64
C ALA C 72 14.99 13.88 2.74
N ARG C 73 14.63 13.40 3.92
CA ARG C 73 14.32 14.33 5.02
C ARG C 73 15.57 15.09 5.45
N LYS C 74 16.72 14.41 5.49
CA LYS C 74 17.96 15.09 5.86
C LYS C 74 18.33 16.11 4.79
N PHE C 75 18.09 15.78 3.51
CA PHE C 75 18.38 16.72 2.44
C PHE C 75 17.43 17.92 2.51
N ASN C 76 16.13 17.66 2.64
CA ASN C 76 15.16 18.76 2.67
C ASN C 76 15.39 19.69 3.84
N GLN C 77 15.81 19.14 4.99
CA GLN C 77 16.09 19.97 6.15
C GLN C 77 17.32 20.84 5.92
N GLU C 78 18.39 20.24 5.39
CA GLU C 78 19.64 20.97 5.18
C GLU C 78 19.48 22.00 4.07
N ALA C 79 18.86 21.61 2.94
CA ALA C 79 18.74 22.51 1.80
C ALA C 79 17.91 23.75 2.12
N SER C 80 16.81 23.57 2.85
CA SER C 80 15.98 24.71 3.24
C SER C 80 16.71 25.65 4.20
N ASN C 81 17.59 25.11 5.04
CA ASN C 81 18.38 25.98 5.92
C ASN C 81 19.24 26.95 5.11
N LEU C 82 19.58 26.60 3.88
CA LEU C 82 20.38 27.44 3.01
C LEU C 82 19.61 28.71 2.61
N ASP C 83 20.35 29.81 2.43
CA ASP C 83 19.74 31.08 2.04
C ASP C 83 19.25 31.03 0.59
N ASN C 84 18.01 31.48 0.37
CA ASN C 84 17.45 31.67 -0.97
C ASN C 84 17.49 30.38 -1.79
N THR C 85 16.96 29.30 -1.21
CA THR C 85 16.97 27.99 -1.83
C THR C 85 15.61 27.32 -1.61
N VAL C 86 15.12 26.64 -2.64
CA VAL C 86 13.84 25.93 -2.56
C VAL C 86 14.01 24.51 -3.10
N VAL C 87 13.36 23.55 -2.43
CA VAL C 87 13.30 22.16 -2.89
C VAL C 87 11.90 21.89 -3.41
N VAL C 88 11.82 21.33 -4.61
CA VAL C 88 10.53 21.09 -5.27
C VAL C 88 10.46 19.62 -5.65
N ASN C 89 9.50 18.91 -5.06
CA ASN C 89 9.29 17.50 -5.33
C ASN C 89 8.21 17.36 -6.40
N VAL C 90 8.53 16.66 -7.47
CA VAL C 90 7.63 16.47 -8.60
C VAL C 90 7.39 14.98 -8.81
N SER C 91 6.13 14.63 -9.07
CA SER C 91 5.73 13.26 -9.28
C SER C 91 4.42 13.26 -10.06
N LYS C 92 4.00 12.07 -10.48
CA LYS C 92 2.70 11.93 -11.13
C LYS C 92 1.57 11.69 -10.18
N ASP C 93 1.83 11.65 -8.86
CA ASP C 93 0.79 11.45 -7.86
C ASP C 93 -0.24 12.57 -7.92
N LEU C 94 -1.50 12.22 -7.75
CA LEU C 94 -2.54 13.24 -7.67
C LEU C 94 -2.28 14.14 -6.47
N PRO C 95 -2.73 15.41 -6.53
CA PRO C 95 -2.54 16.32 -5.37
C PRO C 95 -3.09 15.78 -4.07
N PHE C 96 -4.09 14.88 -4.17
CA PHE C 96 -4.72 14.27 -3.00
C PHE C 96 -3.80 13.33 -2.22
N ALA C 97 -2.71 12.86 -2.83
CA ALA C 97 -1.79 11.98 -2.14
C ALA C 97 -0.48 12.65 -1.74
N LEU C 98 -0.25 13.89 -2.18
CA LEU C 98 0.99 14.59 -1.88
C LEU C 98 1.19 14.75 -0.37
N GLY C 99 0.12 14.88 0.40
CA GLY C 99 0.25 15.00 1.84
C GLY C 99 0.93 13.81 2.49
N ARG C 100 0.97 12.66 1.81
CA ARG C 100 1.61 11.48 2.36
C ARG C 100 3.12 11.44 2.12
N PHE C 101 3.70 12.45 1.48
CA PHE C 101 5.15 12.55 1.44
C PHE C 101 5.59 13.16 2.78
N CYS C 102 6.12 12.31 3.65
CA CYS C 102 6.40 12.74 5.02
C CYS C 102 7.68 13.56 5.14
N ALA C 103 8.68 13.30 4.29
CA ALA C 103 9.98 13.96 4.46
C ALA C 103 9.92 15.47 4.34
N ALA C 104 8.88 16.02 3.70
CA ALA C 104 8.68 17.47 3.62
C ALA C 104 7.61 17.99 4.57
N GLU C 105 7.27 17.21 5.60
CA GLU C 105 6.22 17.57 6.56
C GLU C 105 6.76 18.61 7.53
N GLY C 106 6.08 19.74 7.61
CA GLY C 106 6.46 20.79 8.55
C GLY C 106 7.67 21.60 8.15
N LEU C 107 8.32 21.25 7.05
CA LEU C 107 9.48 21.99 6.59
C LEU C 107 9.01 23.13 5.70
N ASN C 108 9.63 24.29 5.87
CA ASN C 108 9.33 25.40 4.97
C ASN C 108 10.23 25.35 3.75
N ASN C 109 9.83 26.11 2.73
CA ASN C 109 10.58 26.22 1.47
C ASN C 109 10.81 24.87 0.81
N VAL C 110 9.89 23.92 1.00
CA VAL C 110 9.92 22.62 0.32
C VAL C 110 8.50 22.37 -0.17
N ASP C 111 8.33 22.36 -1.49
CA ASP C 111 7.04 22.11 -2.11
C ASP C 111 6.96 20.69 -2.66
N THR C 112 5.74 20.14 -2.63
CA THR C 112 5.43 18.84 -3.22
C THR C 112 4.29 19.05 -4.20
N LEU C 113 4.58 18.85 -5.49
CA LEU C 113 3.70 19.22 -6.57
C LEU C 113 3.40 18.03 -7.47
N SER C 114 2.30 18.13 -8.21
CA SER C 114 1.80 17.08 -9.07
C SER C 114 1.83 17.46 -10.54
N ASP C 115 2.27 16.52 -11.39
CA ASP C 115 2.26 16.69 -12.84
C ASP C 115 1.16 15.85 -13.48
N PHE C 116 0.08 15.57 -12.74
CA PHE C 116 -0.93 14.65 -13.26
C PHE C 116 -1.62 15.15 -14.52
N ARG C 117 -1.58 16.46 -14.77
CA ARG C 117 -2.19 17.01 -15.97
C ARG C 117 -1.25 17.92 -16.73
N GLY C 118 0.04 17.93 -16.38
CA GLY C 118 1.02 18.69 -17.10
C GLY C 118 1.89 17.80 -17.98
N HIS C 119 2.94 18.40 -18.54
CA HIS C 119 3.93 17.68 -19.32
C HIS C 119 5.35 17.92 -18.80
N PHE C 120 5.48 18.25 -17.51
CA PHE C 120 6.79 18.35 -16.89
C PHE C 120 7.62 17.11 -17.19
N GLY C 121 7.01 15.94 -17.04
CA GLY C 121 7.74 14.71 -17.33
C GLY C 121 8.21 14.66 -18.77
N ASP C 122 7.38 15.10 -19.72
CA ASP C 122 7.81 15.16 -21.11
C ASP C 122 8.89 16.20 -21.31
N ASP C 123 8.61 17.45 -20.89
CA ASP C 123 9.55 18.55 -21.11
C ASP C 123 10.89 18.31 -20.45
N TYR C 124 10.95 17.51 -19.38
CA TYR C 124 12.21 17.22 -18.72
C TYR C 124 12.77 15.85 -19.09
N GLY C 125 12.09 15.11 -19.96
CA GLY C 125 12.60 13.84 -20.46
C GLY C 125 12.76 12.75 -19.41
N VAL C 126 11.84 12.68 -18.45
CA VAL C 126 11.92 11.72 -17.36
C VAL C 126 10.77 10.73 -17.35
N THR C 127 9.72 10.94 -18.12
CA THR C 127 8.60 10.00 -18.13
C THR C 127 9.04 8.64 -18.67
N LEU C 128 8.63 7.58 -17.98
CA LEU C 128 8.99 6.24 -18.37
C LEU C 128 8.16 5.80 -19.58
N ALA C 129 8.83 5.14 -20.53
CA ALA C 129 8.20 4.76 -21.79
C ALA C 129 7.68 3.32 -21.78
N ASP C 130 8.33 2.44 -21.04
CA ASP C 130 7.87 1.05 -20.93
C ASP C 130 7.90 0.69 -19.46
N SER C 131 7.91 -0.63 -19.17
CA SER C 131 7.91 -1.22 -17.84
C SER C 131 6.55 -1.06 -17.17
N PRO C 132 6.26 -1.84 -16.11
CA PRO C 132 4.97 -1.68 -15.42
C PRO C 132 4.77 -0.31 -14.81
N LEU C 133 5.84 0.48 -14.67
CA LEU C 133 5.78 1.85 -14.20
C LEU C 133 5.63 2.86 -15.33
N GLN C 134 5.27 2.40 -16.52
CA GLN C 134 5.11 3.32 -17.65
C GLN C 134 4.10 4.40 -17.29
N GLY C 135 4.45 5.65 -17.64
CA GLY C 135 3.63 6.81 -17.35
C GLY C 135 4.07 7.59 -16.12
N LEU C 136 4.84 6.98 -15.24
CA LEU C 136 5.39 7.65 -14.08
C LEU C 136 6.73 8.29 -14.41
N LEU C 137 7.14 9.22 -13.57
CA LEU C 137 8.42 9.85 -13.73
C LEU C 137 9.53 8.91 -13.25
N SER C 138 10.73 9.11 -13.77
CA SER C 138 11.90 8.38 -13.34
C SER C 138 12.52 9.06 -12.12
N ARG C 139 13.44 8.38 -11.47
CA ARG C 139 14.14 8.98 -10.35
C ARG C 139 15.25 9.87 -10.89
N ALA C 140 15.15 11.17 -10.65
CA ALA C 140 16.11 12.10 -11.22
C ALA C 140 16.18 13.34 -10.35
N VAL C 141 17.29 14.07 -10.48
CA VAL C 141 17.56 15.27 -9.71
C VAL C 141 18.09 16.35 -10.65
N VAL C 142 17.47 17.53 -10.61
CA VAL C 142 17.93 18.67 -11.39
C VAL C 142 18.11 19.84 -10.43
N VAL C 143 19.32 20.40 -10.40
CA VAL C 143 19.64 21.58 -9.60
C VAL C 143 19.98 22.73 -10.55
N ALA C 144 19.38 23.89 -10.30
CA ALA C 144 19.62 25.09 -11.08
C ALA C 144 19.91 26.25 -10.15
N ASP C 145 20.52 27.30 -10.70
CA ASP C 145 20.89 28.47 -9.91
C ASP C 145 19.74 29.48 -9.90
N GLU C 146 20.02 30.68 -9.39
CA GLU C 146 19.01 31.73 -9.34
C GLU C 146 18.66 32.27 -10.72
N ASN C 147 19.60 32.23 -11.66
CA ASN C 147 19.30 32.69 -13.02
C ASN C 147 18.42 31.68 -13.74
N GLY C 148 18.49 30.40 -13.37
CA GLY C 148 17.67 29.36 -13.94
C GLY C 148 18.39 28.32 -14.76
N ASN C 149 19.70 28.45 -14.94
CA ASN C 149 20.45 27.46 -15.71
C ASN C 149 20.86 26.28 -14.84
N VAL C 150 20.70 25.08 -15.41
CA VAL C 150 21.03 23.85 -14.70
C VAL C 150 22.50 23.84 -14.33
N VAL C 151 22.79 23.57 -13.07
CA VAL C 151 24.17 23.48 -12.59
C VAL C 151 24.61 22.04 -12.40
N TYR C 152 23.70 21.18 -11.94
CA TYR C 152 24.01 19.78 -11.66
C TYR C 152 22.76 18.95 -11.86
N THR C 153 22.94 17.75 -12.39
CA THR C 153 21.85 16.80 -12.55
C THR C 153 22.32 15.42 -12.11
N GLU C 154 21.33 14.58 -11.79
CA GLU C 154 21.57 13.17 -11.54
C GLU C 154 20.35 12.40 -12.02
N GLN C 155 20.60 11.42 -12.88
CA GLN C 155 19.61 10.41 -13.26
C GLN C 155 19.96 9.11 -12.54
N VAL C 156 19.24 8.84 -11.45
CA VAL C 156 19.50 7.65 -10.64
C VAL C 156 19.47 6.42 -11.56
N PRO C 157 20.58 5.71 -11.73
CA PRO C 157 20.58 4.58 -12.66
C PRO C 157 19.57 3.51 -12.29
N GLU C 158 19.38 3.26 -11.00
CA GLU C 158 18.38 2.33 -10.51
C GLU C 158 17.35 3.15 -9.75
N ILE C 159 16.09 3.06 -10.18
CA ILE C 159 15.03 3.88 -9.62
C ILE C 159 14.89 3.64 -8.11
N ALA C 160 15.18 2.41 -7.66
CA ALA C 160 15.03 2.07 -6.26
C ALA C 160 16.08 2.77 -5.40
N GLN C 161 17.31 2.92 -5.89
CA GLN C 161 18.36 3.51 -5.08
C GLN C 161 18.05 4.97 -4.76
N GLU C 162 18.61 5.45 -3.65
CA GLU C 162 18.39 6.83 -3.28
C GLU C 162 19.34 7.74 -4.08
N PRO C 163 18.92 8.97 -4.36
CA PRO C 163 19.80 9.89 -5.09
C PRO C 163 21.05 10.21 -4.31
N ASN C 164 22.07 10.69 -5.04
CA ASN C 164 23.30 11.15 -4.42
C ASN C 164 23.03 12.52 -3.81
N TYR C 165 22.38 12.48 -2.64
CA TYR C 165 21.99 13.73 -1.99
C TYR C 165 23.20 14.58 -1.62
N ASP C 166 24.34 13.96 -1.39
CA ASP C 166 25.53 14.73 -1.01
C ASP C 166 26.06 15.53 -2.19
N ALA C 167 26.18 14.90 -3.36
CA ALA C 167 26.65 15.61 -4.54
C ALA C 167 25.65 16.65 -5.03
N ALA C 168 24.36 16.33 -4.95
CA ALA C 168 23.33 17.29 -5.35
C ALA C 168 23.37 18.52 -4.46
N LEU C 169 23.52 18.32 -3.16
CA LEU C 169 23.62 19.45 -2.23
C LEU C 169 24.80 20.36 -2.57
N ALA C 170 25.91 19.77 -3.01
CA ALA C 170 27.10 20.56 -3.31
C ALA C 170 26.82 21.62 -4.39
N ALA C 171 26.00 21.27 -5.37
CA ALA C 171 25.64 22.23 -6.41
C ALA C 171 24.82 23.39 -5.84
N LEU C 172 23.95 23.11 -4.87
CA LEU C 172 23.17 24.17 -4.23
C LEU C 172 24.07 25.17 -3.52
N LYS C 173 25.20 24.71 -3.00
CA LYS C 173 26.10 25.59 -2.27
C LYS C 173 26.91 26.45 -3.23
N ILE D 12 -16.54 -0.21 21.19
CA ILE D 12 -15.60 0.17 20.14
C ILE D 12 -16.27 0.09 18.78
N THR D 13 -15.80 0.91 17.82
CA THR D 13 -16.32 0.89 16.46
C THR D 13 -15.17 0.95 15.46
N LEU D 14 -15.41 0.37 14.29
CA LEU D 14 -14.46 0.40 13.17
C LEU D 14 -15.17 0.94 11.94
N LYS D 15 -14.78 2.14 11.50
CA LYS D 15 -15.39 2.80 10.34
C LYS D 15 -16.91 2.91 10.51
N GLY D 16 -17.34 3.20 11.73
CA GLY D 16 -18.74 3.37 12.07
C GLY D 16 -19.48 2.16 12.58
N ASN D 17 -19.19 0.98 12.03
CA ASN D 17 -19.79 -0.26 12.50
C ASN D 17 -19.13 -0.70 13.79
N ALA D 18 -19.86 -1.48 14.59
CA ALA D 18 -19.37 -1.92 15.89
C ALA D 18 -18.39 -3.08 15.73
N ILE D 19 -17.24 -2.98 16.39
CA ILE D 19 -16.25 -4.04 16.44
C ILE D 19 -16.03 -4.41 17.91
N SER D 20 -15.57 -5.64 18.14
CA SER D 20 -15.35 -6.13 19.49
C SER D 20 -13.96 -6.74 19.63
N THR D 21 -13.43 -6.67 20.84
CA THR D 21 -12.10 -7.19 21.14
C THR D 21 -12.18 -8.39 22.07
N VAL D 22 -11.33 -9.38 21.81
CA VAL D 22 -11.16 -10.53 22.70
C VAL D 22 -10.46 -10.07 23.97
N GLY D 23 -11.21 -9.95 25.06
CA GLY D 23 -10.65 -9.54 26.32
C GLY D 23 -10.88 -8.08 26.67
N ASN D 24 -10.15 -7.64 27.69
CA ASN D 24 -10.19 -6.27 28.21
C ASN D 24 -8.78 -5.79 28.49
N LEU D 25 -8.59 -4.47 28.32
CA LEU D 25 -7.34 -3.83 28.68
C LEU D 25 -7.10 -3.98 30.18
N PRO D 26 -5.84 -3.95 30.62
CA PRO D 26 -5.55 -4.01 32.07
C PRO D 26 -6.16 -2.84 32.85
N ASN D 27 -6.42 -3.07 34.13
CA ASN D 27 -7.03 -2.07 34.99
C ASN D 27 -5.97 -1.16 35.62
N ILE D 28 -6.41 0.03 36.02
CA ILE D 28 -5.53 0.95 36.74
C ILE D 28 -5.13 0.28 38.04
N GLY D 29 -3.83 0.27 38.33
CA GLY D 29 -3.31 -0.36 39.52
C GLY D 29 -2.79 -1.77 39.31
N GLU D 30 -3.23 -2.43 38.25
CA GLU D 30 -2.75 -3.78 37.95
C GLU D 30 -1.34 -3.71 37.37
N GLN D 31 -0.59 -4.79 37.57
CA GLN D 31 0.76 -4.86 37.04
C GLN D 31 0.73 -5.26 35.57
N LEU D 32 1.72 -4.78 34.82
CA LEU D 32 1.85 -5.12 33.41
C LEU D 32 2.15 -6.60 33.23
N LYS D 33 1.43 -7.25 32.31
CA LYS D 33 1.66 -8.65 32.01
C LYS D 33 2.89 -8.82 31.13
N ASP D 34 3.62 -9.90 31.38
CA ASP D 34 4.81 -10.17 30.59
C ASP D 34 4.44 -10.45 29.14
N PHE D 35 5.44 -10.35 28.27
CA PHE D 35 5.30 -10.61 26.85
C PHE D 35 6.68 -10.84 26.27
N THR D 36 6.69 -11.35 25.04
CA THR D 36 7.91 -11.42 24.25
C THR D 36 7.57 -10.95 22.85
N LEU D 37 8.17 -9.83 22.45
CA LEU D 37 7.95 -9.25 21.14
C LEU D 37 9.25 -9.32 20.35
N VAL D 38 9.14 -9.26 19.03
CA VAL D 38 10.29 -9.41 18.14
C VAL D 38 10.58 -8.07 17.49
N ASN D 39 11.86 -7.70 17.46
CA ASN D 39 12.31 -6.46 16.85
C ASN D 39 12.46 -6.65 15.33
N ALA D 40 12.79 -5.58 14.62
CA ALA D 40 12.89 -5.69 13.17
C ALA D 40 14.08 -6.57 12.76
N ASP D 41 15.13 -6.62 13.58
CA ASP D 41 16.29 -7.42 13.27
C ASP D 41 16.18 -8.83 13.84
N LEU D 42 14.95 -9.30 14.08
CA LEU D 42 14.64 -10.64 14.59
C LEU D 42 15.16 -10.85 16.01
N SER D 43 15.49 -9.76 16.69
CA SER D 43 15.82 -9.81 18.11
C SER D 43 14.54 -9.69 18.92
N GLU D 44 14.56 -10.26 20.13
CA GLU D 44 13.39 -10.30 20.99
C GLU D 44 13.52 -9.32 22.15
N LYS D 45 12.38 -8.77 22.55
CA LYS D 45 12.28 -7.89 23.70
C LYS D 45 11.24 -8.44 24.67
N THR D 46 11.51 -8.29 25.96
CA THR D 46 10.64 -8.80 27.01
C THR D 46 10.36 -7.65 27.99
N LEU D 47 9.27 -7.79 28.74
CA LEU D 47 8.90 -6.81 29.75
C LEU D 47 10.06 -6.47 30.68
N ALA D 48 10.98 -7.41 30.88
CA ALA D 48 12.13 -7.15 31.74
C ALA D 48 13.04 -6.07 31.15
N ASP D 49 13.05 -5.91 29.83
CA ASP D 49 13.91 -4.91 29.21
C ASP D 49 13.55 -3.49 29.60
N TYR D 50 12.40 -3.30 30.24
CA TYR D 50 11.94 -1.97 30.60
C TYR D 50 11.72 -1.83 32.11
N LYS D 51 12.37 -2.68 32.91
CA LYS D 51 12.19 -2.63 34.35
C LYS D 51 12.68 -1.31 34.92
N GLY D 52 11.86 -0.70 35.78
CA GLY D 52 12.21 0.56 36.41
C GLY D 52 12.03 1.78 35.55
N LYS D 53 11.44 1.64 34.37
CA LYS D 53 11.22 2.75 33.45
C LYS D 53 9.73 2.91 33.20
N LYS D 54 9.28 4.15 33.11
CA LYS D 54 7.90 4.41 32.74
C LYS D 54 7.70 4.03 31.28
N VAL D 55 6.67 3.24 31.01
CA VAL D 55 6.50 2.61 29.70
C VAL D 55 5.20 3.08 29.09
N VAL D 56 5.23 3.40 27.79
CA VAL D 56 4.03 3.66 27.01
C VAL D 56 3.91 2.57 25.95
N LEU D 57 2.83 1.81 26.03
CA LEU D 57 2.50 0.80 25.03
C LEU D 57 1.56 1.43 23.99
N ASN D 58 2.06 1.60 22.78
CA ASN D 58 1.30 2.16 21.66
C ASN D 58 0.87 0.98 20.79
N ILE D 59 -0.41 0.62 20.87
CA ILE D 59 -0.93 -0.61 20.29
C ILE D 59 -1.69 -0.28 19.01
N PHE D 60 -1.24 -0.87 17.88
CA PHE D 60 -1.76 -0.53 16.55
C PHE D 60 -2.40 -1.73 15.86
N PRO D 61 -3.49 -1.52 15.09
CA PRO D 61 -3.88 -2.53 14.10
C PRO D 61 -2.80 -2.79 13.08
N SER D 62 -2.13 -1.74 12.63
CA SER D 62 -0.96 -1.86 11.79
C SER D 62 -0.15 -0.57 11.89
N ILE D 63 1.17 -0.72 11.88
CA ILE D 63 2.07 0.41 11.71
C ILE D 63 2.57 0.52 10.28
N ASP D 64 2.08 -0.34 9.39
CA ASP D 64 2.43 -0.31 7.97
C ASP D 64 1.30 0.26 7.13
N THR D 65 0.73 1.39 7.57
CA THR D 65 -0.43 1.95 6.86
C THR D 65 -0.05 2.96 5.80
N GLY D 66 1.12 3.59 5.90
CA GLY D 66 1.57 4.50 4.87
C GLY D 66 1.10 5.92 5.05
N VAL D 67 0.69 6.28 6.26
CA VAL D 67 0.16 7.60 6.57
C VAL D 67 1.09 8.26 7.57
N CYS D 68 1.46 9.50 7.29
CA CYS D 68 2.46 10.21 8.08
C CYS D 68 1.91 10.38 9.49
N ALA D 69 2.49 9.66 10.44
CA ALA D 69 2.03 9.67 11.83
C ALA D 69 2.52 10.93 12.54
N ALA D 70 2.06 12.08 12.02
CA ALA D 70 2.49 13.36 12.58
C ALA D 70 2.20 13.46 14.07
N SER D 71 0.99 13.08 14.49
CA SER D 71 0.69 13.14 15.92
C SER D 71 1.52 12.12 16.70
N ALA D 72 1.69 10.92 16.15
CA ALA D 72 2.45 9.90 16.86
C ALA D 72 3.92 10.30 17.00
N ARG D 73 4.47 10.95 15.97
CA ARG D 73 5.85 11.40 16.04
C ARG D 73 6.01 12.49 17.10
N LYS D 74 5.02 13.36 17.24
CA LYS D 74 5.11 14.41 18.24
C LYS D 74 5.10 13.83 19.66
N PHE D 75 4.32 12.78 19.88
CA PHE D 75 4.29 12.16 21.20
C PHE D 75 5.63 11.51 21.52
N ASN D 76 6.16 10.72 20.58
CA ASN D 76 7.42 10.02 20.81
C ASN D 76 8.57 10.98 21.09
N GLN D 77 8.56 12.16 20.46
CA GLN D 77 9.61 13.14 20.72
C GLN D 77 9.50 13.69 22.14
N GLU D 78 8.29 14.03 22.57
CA GLU D 78 8.11 14.58 23.90
C GLU D 78 8.35 13.52 24.96
N ALA D 79 7.78 12.32 24.77
CA ALA D 79 7.91 11.26 25.76
C ALA D 79 9.38 10.83 25.92
N SER D 80 10.12 10.76 24.82
CA SER D 80 11.53 10.40 24.92
C SER D 80 12.33 11.47 25.66
N ASN D 81 11.96 12.74 25.52
CA ASN D 81 12.65 13.79 26.25
C ASN D 81 12.51 13.62 27.76
N LEU D 82 11.43 13.00 28.21
CA LEU D 82 11.19 12.80 29.64
C LEU D 82 12.21 11.84 30.25
N ASP D 83 12.55 12.10 31.51
CA ASP D 83 13.52 11.27 32.21
C ASP D 83 12.94 9.89 32.48
N ASN D 84 13.71 8.85 32.13
CA ASN D 84 13.35 7.47 32.45
C ASN D 84 11.99 7.10 31.88
N THR D 85 11.83 7.30 30.58
CA THR D 85 10.57 7.03 29.89
C THR D 85 10.87 6.34 28.56
N VAL D 86 10.07 5.33 28.22
CA VAL D 86 10.23 4.59 26.98
C VAL D 86 8.87 4.46 26.28
N VAL D 87 8.87 4.60 24.96
CA VAL D 87 7.68 4.37 24.13
C VAL D 87 7.90 3.06 23.36
N VAL D 88 6.92 2.17 23.42
CA VAL D 88 7.01 0.87 22.75
C VAL D 88 5.79 0.68 21.87
N ASN D 89 6.03 0.54 20.56
CA ASN D 89 4.95 0.33 19.59
C ASN D 89 4.76 -1.17 19.39
N VAL D 90 3.53 -1.64 19.59
CA VAL D 90 3.18 -3.05 19.46
C VAL D 90 2.08 -3.19 18.40
N SER D 91 2.27 -4.15 17.50
CA SER D 91 1.32 -4.43 16.42
C SER D 91 1.55 -5.85 15.93
N LYS D 92 0.63 -6.33 15.11
CA LYS D 92 0.76 -7.66 14.53
C LYS D 92 1.63 -7.70 13.28
N ASP D 93 2.17 -6.56 12.85
CA ASP D 93 2.98 -6.49 11.64
C ASP D 93 4.24 -7.35 11.77
N LEU D 94 4.62 -8.01 10.68
CA LEU D 94 5.83 -8.80 10.71
C LEU D 94 7.04 -7.92 10.97
N PRO D 95 8.10 -8.46 11.59
CA PRO D 95 9.29 -7.63 11.82
C PRO D 95 9.82 -6.97 10.56
N PHE D 96 9.54 -7.58 9.40
CA PHE D 96 9.96 -7.06 8.10
C PHE D 96 9.26 -5.75 7.72
N ALA D 97 8.16 -5.40 8.38
CA ALA D 97 7.45 -4.16 8.08
C ALA D 97 7.67 -3.08 9.13
N LEU D 98 8.33 -3.40 10.24
CA LEU D 98 8.51 -2.43 11.31
C LEU D 98 9.28 -1.20 10.83
N GLY D 99 10.23 -1.39 9.91
CA GLY D 99 11.02 -0.27 9.42
C GLY D 99 10.23 0.80 8.70
N ARG D 100 9.02 0.48 8.22
CA ARG D 100 8.21 1.47 7.55
C ARG D 100 7.40 2.32 8.53
N PHE D 101 7.53 2.09 9.82
CA PHE D 101 6.98 3.00 10.82
C PHE D 101 7.94 4.15 10.98
N CYS D 102 7.56 5.31 10.46
CA CYS D 102 8.46 6.44 10.43
C CYS D 102 8.51 7.20 11.75
N ALA D 103 7.46 7.12 12.57
CA ALA D 103 7.40 7.91 13.80
C ALA D 103 8.57 7.62 14.75
N ALA D 104 9.26 6.50 14.58
CA ALA D 104 10.44 6.22 15.39
C ALA D 104 11.75 6.52 14.66
N GLU D 105 11.68 7.34 13.60
CA GLU D 105 12.87 7.72 12.85
C GLU D 105 13.62 8.80 13.61
N GLY D 106 14.88 8.52 13.96
CA GLY D 106 15.71 9.48 14.66
C GLY D 106 15.40 9.67 16.12
N LEU D 107 14.33 9.05 16.63
CA LEU D 107 13.97 9.18 18.04
C LEU D 107 14.64 8.06 18.83
N ASN D 108 15.18 8.41 20.00
CA ASN D 108 15.71 7.41 20.91
C ASN D 108 14.64 6.95 21.89
N ASN D 109 14.92 5.85 22.59
CA ASN D 109 14.02 5.30 23.61
C ASN D 109 12.63 4.99 23.05
N VAL D 110 12.55 4.63 21.77
CA VAL D 110 11.29 4.25 21.16
C VAL D 110 11.52 2.96 20.38
N ASP D 111 10.86 1.89 20.82
CA ASP D 111 10.91 0.60 20.14
C ASP D 111 9.61 0.35 19.39
N THR D 112 9.73 -0.35 18.26
CA THR D 112 8.59 -0.79 17.47
C THR D 112 8.70 -2.30 17.31
N LEU D 113 7.78 -3.04 17.92
CA LEU D 113 7.90 -4.48 18.09
C LEU D 113 6.70 -5.22 17.52
N SER D 114 6.92 -6.50 17.23
CA SER D 114 5.93 -7.35 16.57
C SER D 114 5.44 -8.45 17.50
N ASP D 115 4.12 -8.65 17.49
CA ASP D 115 3.42 -9.70 18.22
C ASP D 115 2.95 -10.80 17.25
N PHE D 116 3.67 -10.96 16.14
CA PHE D 116 3.21 -11.88 15.10
C PHE D 116 3.20 -13.33 15.56
N ARG D 117 3.97 -13.66 16.61
CA ARG D 117 4.02 -15.02 17.13
C ARG D 117 3.84 -15.07 18.64
N GLY D 118 3.44 -13.97 19.27
CA GLY D 118 3.23 -13.94 20.70
C GLY D 118 1.76 -13.95 21.07
N HIS D 119 1.50 -13.69 22.36
CA HIS D 119 0.13 -13.57 22.87
C HIS D 119 -0.09 -12.25 23.58
N PHE D 120 0.66 -11.20 23.20
CA PHE D 120 0.43 -9.87 23.74
C PHE D 120 -1.02 -9.43 23.53
N GLY D 121 -1.54 -9.63 22.32
CA GLY D 121 -2.89 -9.17 22.02
C GLY D 121 -3.96 -9.82 22.87
N ASP D 122 -3.86 -11.13 23.08
CA ASP D 122 -4.79 -11.83 23.96
C ASP D 122 -4.59 -11.40 25.42
N ASP D 123 -3.34 -11.42 25.88
CA ASP D 123 -3.06 -11.11 27.28
C ASP D 123 -3.49 -9.69 27.66
N TYR D 124 -3.54 -8.77 26.70
CA TYR D 124 -3.96 -7.41 26.99
C TYR D 124 -5.40 -7.14 26.56
N GLY D 125 -6.10 -8.16 26.05
CA GLY D 125 -7.49 -8.00 25.67
C GLY D 125 -7.74 -7.01 24.53
N VAL D 126 -6.85 -6.97 23.54
CA VAL D 126 -6.97 -6.00 22.44
C VAL D 126 -7.15 -6.66 21.08
N THR D 127 -6.99 -7.96 20.96
CA THR D 127 -7.16 -8.58 19.66
C THR D 127 -8.60 -8.44 19.19
N LEU D 128 -8.76 -8.09 17.91
CA LEU D 128 -10.09 -7.89 17.36
C LEU D 128 -10.76 -9.24 17.09
N ALA D 129 -12.05 -9.32 17.45
CA ALA D 129 -12.80 -10.56 17.38
C ALA D 129 -13.62 -10.71 16.11
N ASP D 130 -14.09 -9.62 15.53
CA ASP D 130 -14.83 -9.65 14.27
C ASP D 130 -14.24 -8.57 13.37
N SER D 131 -15.02 -8.17 12.35
CA SER D 131 -14.71 -7.13 11.36
C SER D 131 -13.60 -7.56 10.41
N PRO D 132 -13.44 -6.89 9.28
CA PRO D 132 -12.35 -7.26 8.34
C PRO D 132 -10.96 -7.16 8.92
N LEU D 133 -10.77 -6.48 10.06
CA LEU D 133 -9.49 -6.39 10.76
C LEU D 133 -9.32 -7.48 11.82
N GLN D 134 -10.15 -8.53 11.79
CA GLN D 134 -10.07 -9.58 12.78
C GLN D 134 -8.67 -10.17 12.87
N GLY D 135 -8.18 -10.35 14.09
CA GLY D 135 -6.86 -10.88 14.36
C GLY D 135 -5.80 -9.84 14.61
N LEU D 136 -6.03 -8.60 14.19
CA LEU D 136 -5.12 -7.50 14.44
C LEU D 136 -5.40 -6.91 15.80
N LEU D 137 -4.44 -6.15 16.32
CA LEU D 137 -4.68 -5.50 17.60
C LEU D 137 -5.55 -4.27 17.40
N SER D 138 -6.28 -3.91 18.45
CA SER D 138 -7.08 -2.71 18.39
C SER D 138 -6.20 -1.51 18.76
N ARG D 139 -6.72 -0.32 18.52
CA ARG D 139 -5.98 0.90 18.83
C ARG D 139 -6.13 1.18 20.32
N ALA D 140 -5.01 1.17 21.05
CA ALA D 140 -5.05 1.35 22.50
C ALA D 140 -3.71 1.85 23.01
N VAL D 141 -3.73 2.41 24.21
CA VAL D 141 -2.55 2.99 24.86
C VAL D 141 -2.55 2.57 26.32
N VAL D 142 -1.42 2.06 26.79
CA VAL D 142 -1.23 1.72 28.19
C VAL D 142 0.03 2.41 28.70
N VAL D 143 -0.11 3.18 29.78
CA VAL D 143 1.02 3.85 30.42
C VAL D 143 1.19 3.23 31.80
N ALA D 144 2.45 2.95 32.17
CA ALA D 144 2.75 2.36 33.46
C ALA D 144 3.85 3.17 34.14
N ASP D 145 3.95 2.98 35.46
CA ASP D 145 4.92 3.72 36.26
C ASP D 145 6.25 2.96 36.27
N GLU D 146 7.22 3.42 37.06
CA GLU D 146 8.51 2.75 37.08
C GLU D 146 8.43 1.39 37.73
N ASN D 147 7.53 1.21 38.70
CA ASN D 147 7.40 -0.08 39.36
C ASN D 147 6.72 -1.10 38.47
N GLY D 148 5.92 -0.66 37.51
CA GLY D 148 5.25 -1.57 36.59
C GLY D 148 3.75 -1.61 36.70
N ASN D 149 3.14 -0.83 37.60
CA ASN D 149 1.69 -0.84 37.75
C ASN D 149 1.06 0.07 36.72
N VAL D 150 0.00 -0.43 36.07
CA VAL D 150 -0.68 0.32 35.03
C VAL D 150 -1.27 1.59 35.65
N VAL D 151 -0.94 2.73 35.06
CA VAL D 151 -1.38 4.03 35.56
C VAL D 151 -2.54 4.60 34.75
N TYR D 152 -2.52 4.40 33.44
CA TYR D 152 -3.52 4.99 32.56
C TYR D 152 -3.70 4.06 31.37
N THR D 153 -4.93 3.95 30.89
CA THR D 153 -5.22 3.20 29.69
C THR D 153 -6.16 3.99 28.80
N GLU D 154 -6.14 3.65 27.51
CA GLU D 154 -7.13 4.20 26.58
C GLU D 154 -7.47 3.12 25.57
N GLN D 155 -8.75 2.80 25.47
CA GLN D 155 -9.26 1.94 24.40
C GLN D 155 -9.92 2.89 23.41
N VAL D 156 -9.18 3.26 22.36
CA VAL D 156 -9.61 4.25 21.38
C VAL D 156 -10.97 3.84 20.81
N PRO D 157 -12.01 4.65 21.03
CA PRO D 157 -13.37 4.26 20.62
C PRO D 157 -13.51 3.97 19.13
N GLU D 158 -12.84 4.73 18.28
CA GLU D 158 -12.84 4.50 16.85
C GLU D 158 -11.45 4.04 16.45
N ILE D 159 -11.36 2.84 15.88
CA ILE D 159 -10.06 2.24 15.58
C ILE D 159 -9.28 3.11 14.59
N ALA D 160 -9.99 3.81 13.71
CA ALA D 160 -9.33 4.69 12.75
C ALA D 160 -8.73 5.91 13.44
N GLN D 161 -9.41 6.43 14.46
CA GLN D 161 -8.97 7.65 15.11
C GLN D 161 -7.62 7.48 15.79
N GLU D 162 -6.93 8.61 15.96
CA GLU D 162 -5.66 8.64 16.66
C GLU D 162 -5.89 8.75 18.17
N PRO D 163 -4.95 8.20 18.96
CA PRO D 163 -5.07 8.28 20.43
C PRO D 163 -5.02 9.69 20.98
N ASN D 164 -5.52 9.83 22.21
CA ASN D 164 -5.43 11.05 23.00
C ASN D 164 -4.02 11.11 23.59
N TYR D 165 -3.05 11.47 22.75
CA TYR D 165 -1.65 11.45 23.18
C TYR D 165 -1.37 12.46 24.30
N ASP D 166 -2.18 13.52 24.40
CA ASP D 166 -1.94 14.52 25.44
C ASP D 166 -2.27 13.96 26.82
N ALA D 167 -3.39 13.23 26.93
CA ALA D 167 -3.74 12.62 28.20
C ALA D 167 -2.73 11.56 28.60
N ALA D 168 -2.24 10.79 27.61
CA ALA D 168 -1.23 9.78 27.89
C ALA D 168 0.07 10.41 28.38
N LEU D 169 0.51 11.49 27.72
CA LEU D 169 1.72 12.18 28.15
C LEU D 169 1.59 12.65 29.59
N ALA D 170 0.39 13.10 29.97
CA ALA D 170 0.15 13.56 31.33
C ALA D 170 0.40 12.46 32.36
N ALA D 171 0.04 11.22 32.03
CA ALA D 171 0.26 10.13 32.97
C ALA D 171 1.75 9.92 33.23
N LEU D 172 2.58 10.10 32.20
CA LEU D 172 4.02 10.01 32.39
C LEU D 172 4.51 11.09 33.35
N LYS D 173 3.86 12.24 33.36
CA LYS D 173 4.26 13.34 34.21
C LYS D 173 3.75 13.11 35.63
#